data_4K29
#
_entry.id   4K29
#
_cell.length_a   115.052
_cell.length_b   144.576
_cell.length_c   129.568
_cell.angle_alpha   90.00
_cell.angle_beta   90.00
_cell.angle_gamma   90.00
#
_symmetry.space_group_name_H-M   'C 2 2 21'
#
loop_
_entity.id
_entity.type
_entity.pdbx_description
1 polymer 'Enoyl-CoA hydratase/isomerase'
2 non-polymer 'L(+)-TARTARIC ACID'
3 non-polymer GLYCEROL
4 water water
#
_entity_poly.entity_id   1
_entity_poly.type   'polypeptide(L)'
_entity_poly.pdbx_seq_one_letter_code
;(MSE)HHHHHHSSGVDLGTENLYFQS(MSE)TYSKILYETLHGVARITLNRPERTNALDQE(MSE)LGEINAA(MSE)DA
AEADAGVKAVIVRGAGNAFSSGFDLKAQ(MSE)EARPAGVDAWRPLLRKDFDTV(MSE)RFWHCPKPTIAAVRGPCLAGA
CELALACD(MSE)TIATEDAFFGEPELKFGAGIVV(MSE)LLPWIVGPKIAKEIILLGEDRVPARRAAEIG(MSE)VNRV
VDGDGLDAEALRIARHIGAIDPGLVKETKRALNRALETQG(MSE)LQALESALEIDLAIEGAGSPDKIAFFEVARRDGLR
AAIAWRDARFPARDA
;
_entity_poly.pdbx_strand_id   A,B,C
#
loop_
_chem_comp.id
_chem_comp.type
_chem_comp.name
_chem_comp.formula
GOL non-polymer GLYCEROL 'C3 H8 O3'
TLA non-polymer 'L(+)-TARTARIC ACID' 'C4 H6 O6'
#
# COMPACT_ATOMS: atom_id res chain seq x y z
N THR A 24 -9.25 13.77 37.69
CA THR A 24 -7.87 13.71 38.25
C THR A 24 -6.79 14.20 37.26
N TYR A 25 -7.09 14.25 35.97
CA TYR A 25 -6.13 14.69 34.97
C TYR A 25 -6.20 16.20 34.71
N SER A 26 -5.05 16.77 34.38
CA SER A 26 -4.90 18.19 34.13
C SER A 26 -4.96 18.56 32.64
N LYS A 27 -4.43 17.68 31.79
CA LYS A 27 -4.25 17.99 30.36
C LYS A 27 -5.02 17.07 29.43
N ILE A 28 -5.72 16.09 29.99
CA ILE A 28 -6.66 15.27 29.23
C ILE A 28 -7.96 15.12 30.01
N LEU A 29 -8.98 14.63 29.32
CA LEU A 29 -10.19 14.14 29.98
C LEU A 29 -10.27 12.64 29.70
N TYR A 30 -10.77 11.89 30.67
CA TYR A 30 -10.98 10.45 30.53
C TYR A 30 -12.41 10.12 30.93
N GLU A 31 -13.12 9.44 30.04
CA GLU A 31 -14.50 9.03 30.27
C GLU A 31 -14.64 7.56 29.94
N THR A 32 -15.56 6.88 30.62
CA THR A 32 -16.05 5.59 30.13
C THR A 32 -17.56 5.68 29.93
N LEU A 33 -18.02 5.11 28.82
CA LEU A 33 -19.44 5.12 28.47
C LEU A 33 -19.72 4.00 27.47
N HIS A 34 -20.81 3.27 27.67
CA HIS A 34 -21.21 2.20 26.76
C HIS A 34 -20.12 1.16 26.50
N GLY A 35 -19.31 0.89 27.52
CA GLY A 35 -18.21 -0.06 27.40
C GLY A 35 -17.03 0.43 26.58
N VAL A 36 -16.94 1.75 26.42
CA VAL A 36 -15.89 2.39 25.62
C VAL A 36 -15.16 3.42 26.49
N ALA A 37 -13.84 3.53 26.31
CA ALA A 37 -13.09 4.59 26.97
C ALA A 37 -12.85 5.70 25.96
N ARG A 38 -12.95 6.94 26.41
CA ARG A 38 -12.73 8.09 25.54
C ARG A 38 -11.73 9.04 26.18
N ILE A 39 -10.64 9.29 25.47
CA ILE A 39 -9.59 10.20 25.91
C ILE A 39 -9.68 11.48 25.08
N THR A 40 -9.75 12.61 25.77
CA THR A 40 -9.80 13.91 25.10
C THR A 40 -8.52 14.67 25.40
N LEU A 41 -7.79 15.03 24.36
CA LEU A 41 -6.57 15.84 24.48
C LEU A 41 -7.03 17.25 24.80
N ASN A 42 -6.70 17.74 25.99
CA ASN A 42 -7.40 18.90 26.55
C ASN A 42 -6.51 20.10 26.91
N ARG A 43 -6.07 20.83 25.88
CA ARG A 43 -5.47 22.15 26.09
C ARG A 43 -5.91 23.08 24.96
N PRO A 44 -7.18 23.48 25.00
CA PRO A 44 -7.80 24.21 23.89
C PRO A 44 -7.07 25.50 23.51
N GLU A 45 -6.44 26.17 24.47
CA GLU A 45 -5.74 27.41 24.20
C GLU A 45 -4.38 27.22 23.50
N ARG A 46 -3.90 25.98 23.42
CA ARG A 46 -2.67 25.67 22.70
C ARG A 46 -2.92 24.64 21.59
N THR A 47 -4.13 24.64 21.03
CA THR A 47 -4.51 23.67 19.98
C THR A 47 -4.22 22.24 20.47
N ASN A 48 -4.50 22.00 21.76
CA ASN A 48 -4.28 20.69 22.38
C ASN A 48 -2.88 20.13 22.15
N ALA A 49 -1.90 21.01 22.15
CA ALA A 49 -0.51 20.61 21.94
C ALA A 49 -0.08 19.60 23.00
N LEU A 50 0.68 18.60 22.56
CA LEU A 50 1.10 17.50 23.43
C LEU A 50 2.37 17.87 24.17
N ASP A 51 2.26 18.27 25.43
CA ASP A 51 3.45 18.56 26.24
C ASP A 51 3.82 17.33 27.09
N GLN A 52 4.88 17.45 27.88
CA GLN A 52 5.36 16.33 28.70
C GLN A 52 4.31 15.80 29.64
N GLU A 53 3.62 16.73 30.30
CA GLU A 53 2.58 16.38 31.25
C GLU A 53 1.46 15.60 30.58
N MSE A 54 1.01 16.08 29.42
CA MSE A 54 -0.09 15.43 28.71
C MSE A 54 0.28 14.04 28.29
O MSE A 54 -0.52 13.11 28.39
CB MSE A 54 -0.59 16.25 27.51
CG MSE A 54 -1.92 15.72 26.97
SE MSE A 54 -2.39 16.50 25.23
CE MSE A 54 -2.74 18.35 25.83
N LEU A 55 1.52 13.86 27.79
CA LEU A 55 1.97 12.51 27.41
C LEU A 55 1.95 11.55 28.59
N GLY A 56 2.39 12.02 29.76
CA GLY A 56 2.32 11.21 30.97
C GLY A 56 0.91 10.79 31.32
N GLU A 57 -0.03 11.73 31.22
CA GLU A 57 -1.43 11.45 31.51
C GLU A 57 -2.05 10.51 30.48
N ILE A 58 -1.66 10.63 29.21
CA ILE A 58 -2.14 9.71 28.18
C ILE A 58 -1.72 8.28 28.52
N ASN A 59 -0.48 8.11 28.97
CA ASN A 59 -0.02 6.79 29.37
C ASN A 59 -0.79 6.22 30.56
N ALA A 60 -1.08 7.08 31.54
CA ALA A 60 -1.91 6.70 32.68
C ALA A 60 -3.33 6.29 32.26
N ALA A 61 -3.92 7.05 31.34
CA ALA A 61 -5.27 6.76 30.85
C ALA A 61 -5.31 5.45 30.06
N MSE A 62 -4.30 5.22 29.23
CA MSE A 62 -4.20 3.98 28.47
C MSE A 62 -3.98 2.80 29.39
O MSE A 62 -4.56 1.73 29.18
CB MSE A 62 -3.11 4.05 27.40
CG MSE A 62 -3.49 5.03 26.28
SE MSE A 62 -5.02 4.38 25.22
CE MSE A 62 -4.01 3.15 24.06
N ASP A 63 -3.18 2.98 30.44
CA ASP A 63 -3.05 1.93 31.46
C ASP A 63 -4.42 1.59 32.06
N ALA A 64 -5.19 2.62 32.41
CA ALA A 64 -6.50 2.41 33.03
C ALA A 64 -7.46 1.71 32.07
N ALA A 65 -7.51 2.18 30.83
CA ALA A 65 -8.39 1.60 29.81
C ALA A 65 -8.03 0.14 29.55
N GLU A 66 -6.74 -0.16 29.52
CA GLU A 66 -6.27 -1.52 29.24
C GLU A 66 -6.55 -2.48 30.41
N ALA A 67 -6.50 -1.97 31.63
CA ALA A 67 -6.79 -2.76 32.84
C ALA A 67 -8.27 -2.98 33.12
N ASP A 68 -9.13 -2.12 32.56
CA ASP A 68 -10.56 -2.13 32.85
C ASP A 68 -11.28 -3.10 31.91
N ALA A 69 -11.69 -4.25 32.45
CA ALA A 69 -12.36 -5.26 31.63
C ALA A 69 -13.69 -4.77 31.03
N GLY A 70 -14.27 -3.73 31.64
CA GLY A 70 -15.47 -3.10 31.10
C GLY A 70 -15.23 -2.22 29.88
N VAL A 71 -13.96 -1.94 29.58
CA VAL A 71 -13.60 -1.16 28.39
C VAL A 71 -13.24 -2.11 27.26
N LYS A 72 -13.90 -1.95 26.12
CA LYS A 72 -13.71 -2.83 24.96
C LYS A 72 -12.97 -2.14 23.80
N ALA A 73 -12.94 -0.81 23.82
CA ALA A 73 -12.29 -0.03 22.77
C ALA A 73 -12.00 1.36 23.30
N VAL A 74 -11.09 2.07 22.63
CA VAL A 74 -10.66 3.40 23.05
C VAL A 74 -10.81 4.40 21.90
N ILE A 75 -11.47 5.52 22.19
CA ILE A 75 -11.57 6.65 21.29
C ILE A 75 -10.63 7.73 21.79
N VAL A 76 -9.83 8.31 20.89
CA VAL A 76 -9.02 9.49 21.20
C VAL A 76 -9.45 10.63 20.27
N ARG A 77 -9.62 11.80 20.88
CA ARG A 77 -10.08 12.99 20.18
C ARG A 77 -9.48 14.21 20.88
N GLY A 78 -9.56 15.35 20.23
CA GLY A 78 -9.17 16.61 20.87
C GLY A 78 -10.35 17.34 21.47
N ALA A 79 -10.06 18.26 22.39
CA ALA A 79 -11.07 19.16 22.94
C ALA A 79 -11.50 20.16 21.87
N GLY A 80 -12.79 20.46 21.85
CA GLY A 80 -13.32 21.45 20.93
C GLY A 80 -13.27 20.99 19.48
N ASN A 81 -12.84 21.85 18.58
CA ASN A 81 -12.77 21.49 17.16
C ASN A 81 -11.36 21.39 16.60
N ALA A 82 -10.44 20.92 17.45
CA ALA A 82 -9.10 20.56 17.01
C ALA A 82 -8.74 19.23 17.63
N PHE A 83 -7.98 18.42 16.89
CA PHE A 83 -7.40 17.21 17.45
C PHE A 83 -6.15 17.64 18.23
N SER A 84 -5.08 17.96 17.51
CA SER A 84 -3.87 18.50 18.14
C SER A 84 -2.87 18.95 17.08
N SER A 85 -2.13 20.02 17.38
CA SER A 85 -1.08 20.50 16.49
C SER A 85 0.23 19.73 16.66
N GLY A 86 0.27 18.82 17.63
CA GLY A 86 1.43 17.95 17.86
C GLY A 86 2.19 18.31 19.13
N PHE A 87 3.44 17.87 19.21
CA PHE A 87 4.24 18.08 20.41
C PHE A 87 4.42 19.59 20.61
N ASP A 88 4.38 20.03 21.87
CA ASP A 88 4.28 21.46 22.23
C ASP A 88 5.57 22.23 21.97
N LEU A 89 5.54 23.12 20.98
CA LEU A 89 6.73 23.88 20.58
C LEU A 89 7.01 25.07 21.51
N LYS A 90 5.96 25.64 22.11
CA LYS A 90 6.15 26.71 23.07
C LYS A 90 6.87 26.18 24.31
N ALA A 91 6.49 24.97 24.73
CA ALA A 91 7.19 24.29 25.83
C ALA A 91 8.64 24.00 25.44
N GLN A 92 8.87 23.61 24.19
CA GLN A 92 10.23 23.36 23.71
C GLN A 92 11.06 24.64 23.68
N MSE A 93 10.45 25.75 23.26
CA MSE A 93 11.11 27.07 23.23
C MSE A 93 11.61 27.43 24.60
O MSE A 93 12.71 27.96 24.75
CB MSE A 93 10.14 28.15 22.77
CG MSE A 93 10.79 29.54 22.70
SE MSE A 93 9.48 30.91 22.14
CE MSE A 93 8.36 30.89 23.76
N GLU A 94 10.79 27.17 25.62
CA GLU A 94 11.12 27.54 26.99
C GLU A 94 12.12 26.58 27.64
N ALA A 95 11.98 25.29 27.37
CA ALA A 95 12.82 24.26 27.99
C ALA A 95 14.24 24.25 27.44
N ARG A 96 14.38 24.53 26.15
CA ARG A 96 15.67 24.58 25.47
C ARG A 96 16.54 23.35 25.72
N PRO A 97 16.00 22.15 25.43
CA PRO A 97 16.83 20.95 25.55
C PRO A 97 18.01 21.02 24.60
N ALA A 98 19.17 20.62 25.08
CA ALA A 98 20.40 20.72 24.30
C ALA A 98 21.21 19.44 24.41
N GLY A 99 21.44 18.80 23.27
CA GLY A 99 22.36 17.67 23.19
C GLY A 99 21.64 16.34 23.20
N VAL A 100 22.40 15.30 22.86
CA VAL A 100 21.86 13.94 22.71
C VAL A 100 21.24 13.43 24.01
N ASP A 101 21.94 13.56 25.13
CA ASP A 101 21.46 12.98 26.37
C ASP A 101 20.17 13.64 26.88
N ALA A 102 20.00 14.93 26.60
CA ALA A 102 18.76 15.64 26.96
C ALA A 102 17.62 15.22 26.05
N TRP A 103 17.91 15.07 24.77
CA TRP A 103 16.87 14.71 23.80
C TRP A 103 16.42 13.25 23.88
N ARG A 104 17.32 12.34 24.26
CA ARG A 104 16.96 10.91 24.25
C ARG A 104 15.65 10.59 25.00
N PRO A 105 15.52 11.00 26.28
CA PRO A 105 14.26 10.66 26.99
C PRO A 105 13.02 11.36 26.45
N LEU A 106 13.20 12.56 25.91
CA LEU A 106 12.08 13.31 25.32
C LEU A 106 11.50 12.54 24.14
N LEU A 107 12.38 12.12 23.24
CA LEU A 107 11.98 11.38 22.05
C LEU A 107 11.45 9.99 22.39
N ARG A 108 12.03 9.35 23.40
CA ARG A 108 11.59 8.03 23.85
C ARG A 108 10.15 8.07 24.33
N LYS A 109 9.83 9.11 25.11
CA LYS A 109 8.48 9.29 25.64
C LYS A 109 7.49 9.65 24.52
N ASP A 110 7.92 10.53 23.61
CA ASP A 110 7.10 10.86 22.43
C ASP A 110 6.72 9.59 21.68
N PHE A 111 7.75 8.82 21.33
CA PHE A 111 7.61 7.62 20.51
C PHE A 111 6.77 6.57 21.21
N ASP A 112 7.11 6.27 22.46
CA ASP A 112 6.41 5.20 23.17
C ASP A 112 4.94 5.55 23.44
N THR A 113 4.64 6.84 23.65
CA THR A 113 3.25 7.26 23.89
C THR A 113 2.42 7.10 22.62
N VAL A 114 2.96 7.55 21.49
CA VAL A 114 2.30 7.34 20.20
C VAL A 114 2.04 5.85 19.97
N MSE A 115 3.06 5.02 20.21
CA MSE A 115 2.94 3.60 19.92
C MSE A 115 2.03 2.86 20.87
O MSE A 115 1.66 1.72 20.58
CB MSE A 115 4.34 2.97 19.82
CG MSE A 115 5.12 3.49 18.61
SE MSE A 115 4.24 3.18 16.86
CE MSE A 115 4.39 1.22 16.81
N ARG A 116 1.62 3.48 21.97
CA ARG A 116 0.59 2.88 22.84
C ARG A 116 -0.68 2.54 22.04
N PHE A 117 -0.99 3.38 21.06
CA PHE A 117 -2.22 3.23 20.30
C PHE A 117 -2.15 2.10 19.28
N TRP A 118 -0.93 1.75 18.86
CA TRP A 118 -0.73 0.59 17.99
C TRP A 118 -0.77 -0.69 18.82
N HIS A 119 0.02 -0.71 19.89
CA HIS A 119 0.20 -1.90 20.73
C HIS A 119 -0.99 -2.23 21.64
N CYS A 120 -1.88 -1.25 21.84
CA CYS A 120 -3.05 -1.47 22.69
C CYS A 120 -3.73 -2.79 22.34
N PRO A 121 -3.94 -3.66 23.35
CA PRO A 121 -4.65 -4.91 23.06
C PRO A 121 -6.08 -4.69 22.56
N LYS A 122 -6.66 -3.54 22.89
CA LYS A 122 -8.01 -3.19 22.47
C LYS A 122 -7.94 -2.23 21.29
N PRO A 123 -8.97 -2.24 20.41
CA PRO A 123 -8.92 -1.34 19.26
C PRO A 123 -9.00 0.13 19.63
N THR A 124 -8.24 0.93 18.88
CA THR A 124 -8.16 2.37 19.11
C THR A 124 -8.67 3.12 17.88
N ILE A 125 -9.44 4.16 18.14
CA ILE A 125 -10.09 4.94 17.09
C ILE A 125 -9.76 6.41 17.32
N ALA A 126 -9.12 7.04 16.33
CA ALA A 126 -8.85 8.48 16.37
C ALA A 126 -10.01 9.17 15.70
N ALA A 127 -10.57 10.19 16.37
CA ALA A 127 -11.69 10.96 15.86
C ALA A 127 -11.24 12.42 15.75
N VAL A 128 -11.01 12.86 14.51
CA VAL A 128 -10.29 14.09 14.22
C VAL A 128 -11.19 15.23 13.71
N ARG A 129 -11.11 16.38 14.39
CA ARG A 129 -11.62 17.66 13.88
C ARG A 129 -10.42 18.57 13.69
N GLY A 130 -10.50 19.48 12.71
CA GLY A 130 -9.47 20.49 12.55
C GLY A 130 -8.07 19.92 12.40
N PRO A 131 -7.05 20.57 13.01
CA PRO A 131 -5.67 20.16 12.79
C PRO A 131 -5.32 18.83 13.47
N CYS A 132 -4.58 18.00 12.74
CA CYS A 132 -4.01 16.77 13.25
C CYS A 132 -2.63 16.70 12.64
N LEU A 133 -1.66 17.27 13.36
CA LEU A 133 -0.34 17.57 12.77
C LEU A 133 0.81 17.00 13.58
N ALA A 134 1.89 16.70 12.86
CA ALA A 134 3.16 16.37 13.49
C ALA A 134 3.02 15.15 14.42
N GLY A 135 3.46 15.26 15.66
CA GLY A 135 3.33 14.16 16.62
C GLY A 135 1.90 13.66 16.80
N ALA A 136 0.93 14.55 16.61
CA ALA A 136 -0.49 14.19 16.73
C ALA A 136 -0.98 13.44 15.49
N CYS A 137 -0.43 13.79 14.33
CA CYS A 137 -0.70 13.04 13.11
C CYS A 137 -0.17 11.61 13.28
N GLU A 138 1.00 11.48 13.90
CA GLU A 138 1.58 10.17 14.16
C GLU A 138 0.75 9.36 15.16
N LEU A 139 0.24 10.03 16.19
CA LEU A 139 -0.65 9.40 17.17
C LEU A 139 -1.87 8.81 16.44
N ALA A 140 -2.50 9.60 15.59
CA ALA A 140 -3.64 9.11 14.82
C ALA A 140 -3.23 7.97 13.87
N LEU A 141 -2.07 8.09 13.23
CA LEU A 141 -1.57 7.04 12.33
C LEU A 141 -1.46 5.69 13.06
N ALA A 142 -1.08 5.75 14.33
CA ALA A 142 -0.90 4.55 15.15
C ALA A 142 -2.22 3.87 15.54
N CYS A 143 -3.32 4.61 15.51
CA CYS A 143 -4.63 4.05 15.87
C CYS A 143 -5.12 3.05 14.85
N ASP A 144 -5.92 2.08 15.29
CA ASP A 144 -6.43 1.08 14.37
C ASP A 144 -7.26 1.70 13.27
N MSE A 145 -8.08 2.70 13.64
CA MSE A 145 -8.87 3.44 12.67
C MSE A 145 -8.80 4.92 12.96
O MSE A 145 -8.56 5.32 14.09
CB MSE A 145 -10.33 3.02 12.72
CG MSE A 145 -10.54 1.61 12.19
SE MSE A 145 -12.45 1.14 12.38
CE MSE A 145 -13.20 2.46 11.11
N THR A 146 -9.03 5.72 11.92
CA THR A 146 -9.13 7.17 12.04
C THR A 146 -10.36 7.62 11.29
N ILE A 147 -11.21 8.39 11.94
CA ILE A 147 -12.32 9.03 11.25
C ILE A 147 -12.15 10.53 11.43
N ALA A 148 -12.68 11.31 10.49
CA ALA A 148 -12.43 12.73 10.49
C ALA A 148 -13.60 13.47 9.89
N THR A 149 -13.75 14.74 10.27
CA THR A 149 -14.71 15.61 9.62
C THR A 149 -14.11 16.20 8.35
N GLU A 150 -14.96 16.75 7.49
CA GLU A 150 -14.52 17.38 6.23
C GLU A 150 -13.49 18.49 6.46
N ASP A 151 -13.62 19.20 7.57
CA ASP A 151 -12.75 20.33 7.93
C ASP A 151 -11.41 19.93 8.51
N ALA A 152 -11.21 18.64 8.76
CA ALA A 152 -9.95 18.17 9.36
C ALA A 152 -8.84 18.26 8.33
N PHE A 153 -7.62 18.52 8.81
CA PHE A 153 -6.46 18.56 7.95
C PHE A 153 -5.26 17.94 8.66
N PHE A 154 -4.38 17.35 7.88
CA PHE A 154 -3.33 16.48 8.39
C PHE A 154 -1.97 16.86 7.85
N GLY A 155 -0.93 16.34 8.49
CA GLY A 155 0.39 16.39 7.91
C GLY A 155 1.50 16.38 8.91
N GLU A 156 2.72 16.52 8.39
CA GLU A 156 3.92 16.44 9.21
C GLU A 156 4.83 17.60 8.83
N PRO A 157 4.62 18.77 9.45
CA PRO A 157 5.40 19.97 9.11
C PRO A 157 6.82 20.02 9.68
N GLU A 158 7.22 18.97 10.41
CA GLU A 158 8.48 18.95 11.15
C GLU A 158 9.68 19.55 10.42
N LEU A 159 9.93 19.12 9.18
CA LEU A 159 11.15 19.55 8.49
C LEU A 159 11.17 21.06 8.23
N LYS A 160 10.01 21.68 8.09
CA LYS A 160 9.95 23.14 7.92
C LYS A 160 10.36 23.87 9.19
N PHE A 161 10.15 23.24 10.35
CA PHE A 161 10.61 23.75 11.65
C PHE A 161 12.07 23.40 11.96
N GLY A 162 12.72 22.61 11.10
CA GLY A 162 14.07 22.12 11.37
C GLY A 162 14.09 20.92 12.30
N ALA A 163 12.93 20.28 12.48
CA ALA A 163 12.80 19.08 13.33
C ALA A 163 12.76 17.86 12.44
N GLY A 164 13.23 16.73 12.95
CA GLY A 164 13.06 15.45 12.27
C GLY A 164 11.78 14.75 12.69
N ILE A 165 11.52 13.62 12.05
CA ILE A 165 10.33 12.81 12.32
C ILE A 165 10.60 11.85 13.48
N VAL A 166 9.75 11.90 14.51
CA VAL A 166 9.94 11.05 15.69
C VAL A 166 9.45 9.63 15.44
N VAL A 167 8.20 9.51 14.96
CA VAL A 167 7.57 8.23 14.71
C VAL A 167 7.25 8.11 13.23
N MSE A 168 8.09 7.38 12.49
CA MSE A 168 7.95 7.31 11.02
C MSE A 168 6.98 6.24 10.59
O MSE A 168 7.33 5.34 9.83
CB MSE A 168 9.32 7.19 10.34
CG MSE A 168 9.22 7.58 8.87
SE MSE A 168 11.01 7.69 8.08
CE MSE A 168 11.33 9.58 8.51
N LEU A 169 5.74 6.35 11.05
CA LEU A 169 4.67 5.45 10.64
C LEU A 169 4.19 5.69 9.21
N LEU A 170 4.32 6.92 8.71
CA LEU A 170 3.66 7.29 7.46
C LEU A 170 3.88 6.32 6.28
N PRO A 171 5.14 5.92 5.99
CA PRO A 171 5.33 5.01 4.87
C PRO A 171 4.70 3.63 5.03
N TRP A 172 4.40 3.24 6.26
CA TRP A 172 3.69 1.99 6.54
C TRP A 172 2.18 2.08 6.30
N ILE A 173 1.64 3.30 6.35
CA ILE A 173 0.19 3.52 6.24
C ILE A 173 -0.22 3.94 4.83
N VAL A 174 0.59 4.78 4.19
CA VAL A 174 0.24 5.35 2.88
C VAL A 174 1.21 5.00 1.75
N GLY A 175 2.31 4.34 2.05
CA GLY A 175 3.21 3.91 0.99
C GLY A 175 4.17 5.00 0.57
N PRO A 176 5.12 4.64 -0.29
CA PRO A 176 6.37 5.39 -0.33
C PRO A 176 6.32 6.78 -0.97
N LYS A 177 5.75 6.91 -2.16
CA LYS A 177 5.75 8.19 -2.86
C LYS A 177 5.02 9.27 -2.08
N ILE A 178 3.85 8.92 -1.55
CA ILE A 178 3.03 9.87 -0.82
C ILE A 178 3.67 10.23 0.51
N ALA A 179 4.25 9.25 1.19
CA ALA A 179 4.94 9.50 2.46
C ALA A 179 6.13 10.43 2.27
N LYS A 180 6.88 10.23 1.19
CA LYS A 180 8.03 11.08 0.92
C LYS A 180 7.64 12.52 0.65
N GLU A 181 6.58 12.71 -0.13
CA GLU A 181 6.06 14.05 -0.40
C GLU A 181 5.64 14.75 0.88
N ILE A 182 4.84 14.08 1.71
CA ILE A 182 4.31 14.73 2.91
C ILE A 182 5.44 15.10 3.87
N ILE A 183 6.38 14.18 4.08
CA ILE A 183 7.45 14.42 5.06
C ILE A 183 8.54 15.34 4.52
N LEU A 184 9.01 15.11 3.31
CA LEU A 184 10.11 15.94 2.78
C LEU A 184 9.70 17.38 2.49
N LEU A 185 8.43 17.62 2.20
CA LEU A 185 7.93 18.97 1.98
C LEU A 185 7.28 19.58 3.22
N GLY A 186 7.06 18.78 4.24
CA GLY A 186 6.39 19.27 5.45
C GLY A 186 4.95 19.67 5.18
N GLU A 187 4.24 18.87 4.38
CA GLU A 187 2.84 19.15 4.08
C GLU A 187 2.03 19.14 5.36
N ASP A 188 1.24 20.20 5.57
CA ASP A 188 0.51 20.38 6.84
C ASP A 188 -0.92 20.89 6.64
N ARG A 189 -1.45 20.73 5.43
CA ARG A 189 -2.82 21.13 5.13
C ARG A 189 -3.49 20.08 4.25
N VAL A 190 -3.15 18.81 4.46
CA VAL A 190 -3.71 17.72 3.69
C VAL A 190 -5.17 17.56 4.11
N PRO A 191 -6.13 17.82 3.21
CA PRO A 191 -7.53 17.75 3.64
C PRO A 191 -7.98 16.33 3.95
N ALA A 192 -8.97 16.20 4.83
CA ALA A 192 -9.50 14.90 5.20
C ALA A 192 -9.86 14.04 3.98
N ARG A 193 -10.45 14.65 2.95
CA ARG A 193 -10.81 13.90 1.74
C ARG A 193 -9.59 13.23 1.10
N ARG A 194 -8.49 13.98 1.01
CA ARG A 194 -7.26 13.45 0.44
C ARG A 194 -6.65 12.40 1.38
N ALA A 195 -6.69 12.67 2.67
CA ALA A 195 -6.22 11.70 3.67
C ALA A 195 -6.96 10.38 3.54
N ALA A 196 -8.25 10.44 3.21
CA ALA A 196 -9.05 9.23 2.98
C ALA A 196 -8.63 8.50 1.70
N GLU A 197 -8.33 9.24 0.64
CA GLU A 197 -7.87 8.64 -0.61
C GLU A 197 -6.58 7.85 -0.46
N ILE A 198 -5.69 8.30 0.41
CA ILE A 198 -4.36 7.70 0.54
C ILE A 198 -4.28 6.65 1.65
N GLY A 199 -5.36 6.47 2.40
CA GLY A 199 -5.45 5.41 3.41
C GLY A 199 -5.11 5.84 4.84
N MSE A 200 -4.92 7.13 5.05
CA MSE A 200 -4.63 7.69 6.38
C MSE A 200 -5.89 7.80 7.20
O MSE A 200 -5.84 7.73 8.43
CB MSE A 200 -3.96 9.06 6.23
CG MSE A 200 -3.78 9.80 7.54
SE MSE A 200 -2.91 11.55 7.30
CE MSE A 200 -1.73 11.11 5.81
N VAL A 201 -7.01 8.01 6.53
CA VAL A 201 -8.31 8.17 7.18
C VAL A 201 -9.27 7.12 6.61
N ASN A 202 -10.00 6.46 7.49
CA ASN A 202 -10.97 5.43 7.09
C ASN A 202 -12.24 6.03 6.54
N ARG A 203 -12.78 7.02 7.24
CA ARG A 203 -14.07 7.62 6.91
C ARG A 203 -14.06 9.12 7.16
N VAL A 204 -14.62 9.87 6.22
CA VAL A 204 -14.90 11.28 6.43
C VAL A 204 -16.40 11.41 6.72
N VAL A 205 -16.71 12.05 7.84
CA VAL A 205 -18.08 12.17 8.31
C VAL A 205 -18.51 13.63 8.45
N ASP A 206 -19.82 13.84 8.54
CA ASP A 206 -20.38 15.16 8.81
C ASP A 206 -19.88 15.70 10.15
N GLY A 207 -19.62 17.00 10.21
CA GLY A 207 -19.10 17.66 11.40
C GLY A 207 -19.93 17.44 12.64
N ASP A 208 -21.25 17.49 12.49
CA ASP A 208 -22.17 17.29 13.62
C ASP A 208 -22.27 15.83 14.07
N GLY A 209 -21.64 14.91 13.32
CA GLY A 209 -21.78 13.49 13.61
C GLY A 209 -20.52 12.73 13.98
N LEU A 210 -19.41 13.44 14.21
CA LEU A 210 -18.13 12.78 14.48
C LEU A 210 -18.13 11.95 15.77
N ASP A 211 -18.54 12.56 16.87
CA ASP A 211 -18.55 11.85 18.15
C ASP A 211 -19.49 10.64 18.09
N ALA A 212 -20.65 10.82 17.46
CA ALA A 212 -21.62 9.73 17.34
C ALA A 212 -21.09 8.57 16.49
N GLU A 213 -20.39 8.90 15.41
CA GLU A 213 -19.82 7.86 14.55
C GLU A 213 -18.71 7.10 15.25
N ALA A 214 -17.84 7.80 15.98
CA ALA A 214 -16.78 7.12 16.72
C ALA A 214 -17.38 6.18 17.77
N LEU A 215 -18.42 6.63 18.43
CA LEU A 215 -19.09 5.82 19.44
C LEU A 215 -19.79 4.59 18.84
N ARG A 216 -20.42 4.76 17.67
CA ARG A 216 -21.03 3.63 16.97
C ARG A 216 -19.99 2.57 16.63
N ILE A 217 -18.85 3.02 16.12
CA ILE A 217 -17.78 2.09 15.75
C ILE A 217 -17.27 1.37 16.99
N ALA A 218 -17.04 2.12 18.06
CA ALA A 218 -16.51 1.55 19.29
C ALA A 218 -17.51 0.58 19.93
N ARG A 219 -18.80 0.93 19.90
CA ARG A 219 -19.84 0.08 20.47
C ARG A 219 -20.08 -1.17 19.62
N HIS A 220 -19.87 -1.04 18.32
CA HIS A 220 -19.90 -2.19 17.42
C HIS A 220 -18.82 -3.20 17.84
N ILE A 221 -17.60 -2.71 18.00
CA ILE A 221 -16.50 -3.54 18.49
C ILE A 221 -16.82 -4.13 19.86
N GLY A 222 -17.42 -3.31 20.72
CA GLY A 222 -17.77 -3.74 22.08
C GLY A 222 -18.80 -4.85 22.17
N ALA A 223 -19.53 -5.10 21.09
CA ALA A 223 -20.52 -6.18 21.03
C ALA A 223 -19.88 -7.55 20.83
N ILE A 224 -18.62 -7.56 20.40
CA ILE A 224 -17.91 -8.79 20.04
C ILE A 224 -17.16 -9.33 21.26
N ASP A 225 -17.11 -10.65 21.37
CA ASP A 225 -16.28 -11.36 22.36
C ASP A 225 -14.92 -10.66 22.45
N PRO A 226 -14.55 -10.13 23.65
CA PRO A 226 -13.30 -9.38 23.73
C PRO A 226 -12.06 -10.19 23.35
N GLY A 227 -12.06 -11.48 23.66
CA GLY A 227 -10.92 -12.33 23.31
C GLY A 227 -10.75 -12.45 21.81
N LEU A 228 -11.87 -12.53 21.10
CA LEU A 228 -11.86 -12.64 19.64
C LEU A 228 -11.28 -11.38 19.02
N VAL A 229 -11.71 -10.22 19.52
CA VAL A 229 -11.19 -8.94 19.05
C VAL A 229 -9.69 -8.85 19.34
N LYS A 230 -9.31 -9.22 20.57
CA LYS A 230 -7.91 -9.14 20.97
C LYS A 230 -7.01 -9.99 20.09
N GLU A 231 -7.40 -11.25 19.88
CA GLU A 231 -6.58 -12.15 19.08
C GLU A 231 -6.55 -11.74 17.62
N THR A 232 -7.66 -11.21 17.12
CA THR A 232 -7.71 -10.75 15.73
C THR A 232 -6.84 -9.52 15.52
N LYS A 233 -6.87 -8.57 16.46
CA LYS A 233 -5.97 -7.42 16.37
C LYS A 233 -4.50 -7.88 16.41
N ARG A 234 -4.19 -8.84 17.28
CA ARG A 234 -2.83 -9.38 17.34
C ARG A 234 -2.38 -9.87 15.99
N ALA A 235 -3.25 -10.62 15.31
CA ALA A 235 -2.95 -11.15 13.99
C ALA A 235 -2.78 -10.04 12.95
N LEU A 236 -3.62 -9.01 13.01
CA LEU A 236 -3.52 -7.88 12.08
C LEU A 236 -2.20 -7.12 12.27
N ASN A 237 -1.88 -6.81 13.52
CA ASN A 237 -0.63 -6.11 13.81
C ASN A 237 0.59 -6.93 13.41
N ARG A 238 0.48 -8.25 13.53
CA ARG A 238 1.59 -9.15 13.18
C ARG A 238 1.98 -9.02 11.71
N ALA A 239 1.00 -8.74 10.85
CA ALA A 239 1.29 -8.58 9.42
C ALA A 239 2.36 -7.52 9.19
N LEU A 240 2.22 -6.36 9.84
CA LEU A 240 3.18 -5.27 9.67
C LEU A 240 4.47 -5.50 10.48
N GLU A 241 4.33 -6.08 11.67
CA GLU A 241 5.50 -6.35 12.50
C GLU A 241 6.40 -7.40 11.84
N THR A 242 5.79 -8.33 11.11
CA THR A 242 6.54 -9.34 10.34
C THR A 242 7.46 -8.69 9.31
N GLN A 243 7.02 -7.58 8.75
CA GLN A 243 7.79 -6.84 7.73
C GLN A 243 8.97 -6.07 8.32
N GLY A 244 9.03 -5.99 9.65
CA GLY A 244 10.12 -5.33 10.35
C GLY A 244 9.78 -3.92 10.77
N MSE A 245 8.49 -3.57 10.80
CA MSE A 245 8.09 -2.19 11.07
C MSE A 245 8.70 -1.65 12.35
O MSE A 245 9.13 -0.51 12.39
CB MSE A 245 6.57 -2.02 11.11
CG MSE A 245 6.21 -0.56 11.38
SE MSE A 245 4.27 -0.27 11.26
CE MSE A 245 3.86 -0.88 13.08
N LEU A 246 8.71 -2.46 13.40
CA LEU A 246 9.21 -1.95 14.68
C LEU A 246 10.70 -1.61 14.60
N GLN A 247 11.47 -2.38 13.85
CA GLN A 247 12.89 -2.07 13.64
C GLN A 247 13.05 -0.81 12.80
N ALA A 248 12.24 -0.66 11.75
CA ALA A 248 12.30 0.54 10.92
C ALA A 248 11.96 1.80 11.73
N LEU A 249 10.97 1.69 12.60
CA LEU A 249 10.56 2.79 13.47
C LEU A 249 11.67 3.15 14.47
N GLU A 250 12.28 2.15 15.11
CA GLU A 250 13.39 2.41 16.02
C GLU A 250 14.55 3.06 15.28
N SER A 251 14.81 2.63 14.04
CA SER A 251 15.90 3.21 13.24
C SER A 251 15.65 4.68 12.91
N ALA A 252 14.42 5.03 12.57
CA ALA A 252 14.09 6.43 12.31
C ALA A 252 14.21 7.27 13.58
N LEU A 253 13.84 6.69 14.71
CA LEU A 253 13.94 7.37 16.00
C LEU A 253 15.39 7.64 16.36
N GLU A 254 16.26 6.68 16.06
CA GLU A 254 17.71 6.82 16.27
C GLU A 254 18.29 7.93 15.42
N ILE A 255 17.85 7.99 14.16
CA ILE A 255 18.26 9.04 13.25
C ILE A 255 17.78 10.39 13.80
N ASP A 256 16.55 10.45 14.30
CA ASP A 256 16.03 11.71 14.84
C ASP A 256 16.81 12.16 16.08
N LEU A 257 17.29 11.22 16.89
CA LEU A 257 18.11 11.57 18.05
C LEU A 257 19.39 12.28 17.61
N ALA A 258 20.02 11.79 16.54
CA ALA A 258 21.19 12.45 15.99
C ALA A 258 20.84 13.85 15.47
N ILE A 259 19.73 13.95 14.76
CA ILE A 259 19.28 15.23 14.22
C ILE A 259 19.05 16.26 15.32
N GLU A 260 18.28 15.88 16.34
CA GLU A 260 17.92 16.81 17.40
C GLU A 260 19.06 17.02 18.40
N GLY A 261 19.86 15.98 18.61
CA GLY A 261 21.00 16.09 19.51
C GLY A 261 22.02 17.08 18.98
N ALA A 262 22.21 17.09 17.65
CA ALA A 262 23.05 18.10 16.99
C ALA A 262 22.36 19.46 17.00
N GLY A 263 21.08 19.44 16.64
CA GLY A 263 20.27 20.65 16.50
C GLY A 263 20.44 21.22 15.11
N SER A 264 19.41 21.14 14.28
CA SER A 264 19.50 21.67 12.93
C SER A 264 19.59 23.19 13.00
N PRO A 265 20.42 23.81 12.14
CA PRO A 265 20.46 25.27 12.13
C PRO A 265 19.11 25.89 11.81
N ASP A 266 18.25 25.16 11.08
CA ASP A 266 16.89 25.64 10.76
C ASP A 266 16.04 25.79 12.03
N LYS A 267 16.15 24.84 12.95
CA LYS A 267 15.41 24.89 14.20
C LYS A 267 16.00 25.96 15.12
N ILE A 268 17.32 26.01 15.18
CA ILE A 268 18.00 26.99 16.03
C ILE A 268 17.57 28.40 15.61
N ALA A 269 17.58 28.66 14.31
CA ALA A 269 17.17 29.96 13.77
C ALA A 269 15.69 30.24 14.05
N PHE A 270 14.85 29.21 13.90
CA PHE A 270 13.42 29.36 14.17
C PHE A 270 13.16 29.85 15.58
N PHE A 271 13.79 29.21 16.57
CA PHE A 271 13.54 29.56 17.96
C PHE A 271 14.24 30.86 18.35
N GLU A 272 15.30 31.21 17.64
CA GLU A 272 15.94 32.51 17.83
C GLU A 272 14.95 33.61 17.50
N VAL A 273 14.27 33.49 16.37
CA VAL A 273 13.22 34.44 16.00
C VAL A 273 12.06 34.38 17.01
N ALA A 274 11.66 33.17 17.40
CA ALA A 274 10.52 32.98 18.29
C ALA A 274 10.72 33.63 19.67
N ARG A 275 11.91 33.49 20.25
CA ARG A 275 12.19 34.08 21.56
C ARG A 275 12.26 35.60 21.49
N ARG A 276 12.69 36.13 20.34
CA ARG A 276 12.86 37.57 20.15
C ARG A 276 11.56 38.27 19.76
N ASP A 277 10.90 37.76 18.73
CA ASP A 277 9.72 38.41 18.14
C ASP A 277 8.41 37.64 18.35
N GLY A 278 8.47 36.45 18.94
CA GLY A 278 7.29 35.64 19.19
C GLY A 278 7.07 34.54 18.15
N LEU A 279 6.27 33.54 18.50
CA LEU A 279 6.05 32.39 17.63
C LEU A 279 5.36 32.71 16.31
N ARG A 280 4.38 33.62 16.31
CA ARG A 280 3.77 34.05 15.04
C ARG A 280 4.81 34.62 14.07
N ALA A 281 5.71 35.45 14.59
CA ALA A 281 6.77 36.02 13.77
C ALA A 281 7.74 34.94 13.27
N ALA A 282 7.98 33.93 14.10
CA ALA A 282 8.84 32.80 13.71
C ALA A 282 8.22 31.99 12.58
N ILE A 283 6.90 31.77 12.67
CA ILE A 283 6.17 31.06 11.62
C ILE A 283 6.20 31.85 10.31
N ALA A 284 6.04 33.17 10.40
CA ALA A 284 6.14 34.04 9.23
C ALA A 284 7.53 33.97 8.61
N TRP A 285 8.55 34.01 9.46
CA TRP A 285 9.93 33.87 9.03
C TRP A 285 10.12 32.52 8.34
N ARG A 286 9.58 31.47 8.94
CA ARG A 286 9.66 30.12 8.39
C ARG A 286 9.00 30.05 7.01
N ASP A 287 7.76 30.51 6.92
CA ASP A 287 6.98 30.42 5.68
C ASP A 287 7.62 31.21 4.53
N ALA A 288 8.29 32.31 4.87
CA ALA A 288 8.97 33.15 3.87
C ALA A 288 10.16 32.46 3.20
N ARG A 289 10.70 31.42 3.83
CA ARG A 289 11.81 30.65 3.25
C ARG A 289 11.34 29.73 2.13
N PHE A 290 10.05 29.43 2.08
CA PHE A 290 9.51 28.48 1.10
C PHE A 290 8.71 29.18 0.02
N PRO A 291 8.53 28.54 -1.15
CA PRO A 291 7.72 29.11 -2.22
C PRO A 291 6.30 29.47 -1.78
N ALA A 292 5.71 30.46 -2.46
CA ALA A 292 4.30 30.80 -2.26
C ALA A 292 3.41 29.79 -2.98
N TYR B 25 27.36 16.96 -22.82
CA TYR B 25 26.62 15.68 -23.04
C TYR B 25 25.94 15.63 -24.40
N SER B 26 25.87 14.42 -24.95
CA SER B 26 25.29 14.21 -26.27
C SER B 26 23.81 13.79 -26.23
N LYS B 27 23.43 13.01 -25.22
CA LYS B 27 22.10 12.40 -25.15
C LYS B 27 21.26 12.88 -23.95
N ILE B 28 21.80 13.80 -23.16
CA ILE B 28 21.03 14.51 -22.14
C ILE B 28 21.39 16.01 -22.13
N LEU B 29 20.53 16.80 -21.51
CA LEU B 29 20.88 18.15 -21.08
C LEU B 29 21.06 18.12 -19.56
N TYR B 30 22.01 18.91 -19.07
CA TYR B 30 22.22 19.08 -17.63
C TYR B 30 22.21 20.57 -17.32
N GLU B 31 21.35 20.97 -16.38
CA GLU B 31 21.24 22.37 -15.94
C GLU B 31 21.33 22.44 -14.43
N THR B 32 21.88 23.54 -13.92
CA THR B 32 21.73 23.90 -12.52
C THR B 32 21.01 25.23 -12.45
N LEU B 33 19.95 25.29 -11.66
CA LEU B 33 19.18 26.51 -11.49
C LEU B 33 18.51 26.53 -10.12
N HIS B 34 18.59 27.66 -9.43
CA HIS B 34 17.96 27.85 -8.13
C HIS B 34 18.34 26.77 -7.11
N GLY B 35 19.59 26.31 -7.16
CA GLY B 35 20.08 25.27 -6.25
C GLY B 35 19.54 23.89 -6.56
N VAL B 36 19.10 23.68 -7.79
CA VAL B 36 18.50 22.42 -8.25
C VAL B 36 19.21 21.95 -9.51
N ALA B 37 19.47 20.66 -9.62
CA ALA B 37 19.99 20.10 -10.86
C ALA B 37 18.83 19.54 -11.66
N ARG B 38 18.84 19.76 -12.97
CA ARG B 38 17.80 19.24 -13.84
C ARG B 38 18.45 18.47 -14.98
N ILE B 39 18.05 17.20 -15.11
CA ILE B 39 18.52 16.31 -16.16
C ILE B 39 17.40 16.12 -17.16
N THR B 40 17.66 16.39 -18.43
CA THR B 40 16.68 16.22 -19.48
C THR B 40 17.12 15.09 -20.40
N LEU B 41 16.34 14.00 -20.45
CA LEU B 41 16.62 12.89 -21.37
C LEU B 41 16.38 13.43 -22.77
N ASN B 42 17.36 13.28 -23.66
CA ASN B 42 17.33 14.03 -24.91
C ASN B 42 17.72 13.25 -26.19
N ARG B 43 16.78 12.46 -26.68
CA ARG B 43 16.85 11.87 -28.02
C ARG B 43 15.44 11.87 -28.60
N PRO B 44 14.95 13.05 -28.99
CA PRO B 44 13.55 13.19 -29.41
C PRO B 44 13.14 12.28 -30.57
N GLU B 45 14.07 12.03 -31.49
CA GLU B 45 13.82 11.14 -32.63
C GLU B 45 13.57 9.69 -32.24
N ARG B 46 14.02 9.29 -31.04
CA ARG B 46 13.80 7.94 -30.52
C ARG B 46 12.99 7.94 -29.22
N THR B 47 12.17 8.97 -29.03
CA THR B 47 11.35 9.11 -27.81
C THR B 47 12.24 8.98 -26.55
N ASN B 48 13.42 9.60 -26.60
CA ASN B 48 14.38 9.60 -25.49
C ASN B 48 14.71 8.20 -24.98
N ALA B 49 14.77 7.24 -25.90
CA ALA B 49 15.12 5.85 -25.55
C ALA B 49 16.45 5.80 -24.83
N LEU B 50 16.52 4.98 -23.78
CA LEU B 50 17.69 4.90 -22.93
C LEU B 50 18.68 3.89 -23.50
N ASP B 51 19.64 4.37 -24.30
CA ASP B 51 20.70 3.50 -24.81
C ASP B 51 21.90 3.52 -23.87
N GLN B 52 22.95 2.75 -24.21
CA GLN B 52 24.13 2.65 -23.36
C GLN B 52 24.78 4.01 -23.09
N GLU B 53 24.90 4.82 -24.14
CA GLU B 53 25.51 6.13 -24.04
C GLU B 53 24.73 7.02 -23.08
N MSE B 54 23.41 7.09 -23.25
CA MSE B 54 22.56 7.91 -22.38
C MSE B 54 22.66 7.48 -20.94
O MSE B 54 22.74 8.31 -20.05
CB MSE B 54 21.10 7.92 -22.81
CG MSE B 54 20.38 9.13 -22.23
SE MSE B 54 18.42 8.97 -22.43
CE MSE B 54 18.29 9.63 -24.27
N LEU B 55 22.67 6.17 -20.71
CA LEU B 55 22.78 5.64 -19.34
C LEU B 55 24.09 6.07 -18.68
N GLY B 56 25.18 6.01 -19.44
CA GLY B 56 26.47 6.49 -18.95
C GLY B 56 26.44 7.97 -18.60
N GLU B 57 25.78 8.78 -19.45
CA GLU B 57 25.68 10.22 -19.21
C GLU B 57 24.81 10.54 -18.00
N ILE B 58 23.72 9.79 -17.84
CA ILE B 58 22.88 9.94 -16.64
C ILE B 58 23.69 9.68 -15.38
N ASN B 59 24.51 8.61 -15.39
CA ASN B 59 25.37 8.34 -14.25
C ASN B 59 26.37 9.47 -13.99
N ALA B 60 26.96 10.01 -15.06
CA ALA B 60 27.90 11.12 -14.93
C ALA B 60 27.21 12.37 -14.36
N ALA B 61 25.99 12.63 -14.83
CA ALA B 61 25.21 13.77 -14.35
C ALA B 61 24.83 13.61 -12.88
N MSE B 62 24.47 12.38 -12.50
CA MSE B 62 24.12 12.12 -11.10
C MSE B 62 25.34 12.24 -10.23
O MSE B 62 25.24 12.77 -9.13
CB MSE B 62 23.46 10.75 -10.93
CG MSE B 62 22.05 10.71 -11.53
SE MSE B 62 20.81 11.87 -10.53
CE MSE B 62 20.34 10.57 -9.11
N ASP B 63 26.49 11.78 -10.71
CA ASP B 63 27.75 11.98 -9.98
C ASP B 63 27.99 13.46 -9.73
N ALA B 64 27.80 14.27 -10.78
CA ALA B 64 28.00 15.72 -10.69
C ALA B 64 27.04 16.36 -9.70
N ALA B 65 25.76 16.01 -9.83
CA ALA B 65 24.71 16.57 -8.96
C ALA B 65 24.96 16.22 -7.49
N GLU B 66 25.41 15.00 -7.25
CA GLU B 66 25.64 14.53 -5.88
C GLU B 66 26.89 15.15 -5.24
N ALA B 67 27.89 15.48 -6.07
CA ALA B 67 29.14 16.09 -5.58
C ALA B 67 29.01 17.62 -5.40
N ASP B 68 28.05 18.23 -6.09
CA ASP B 68 27.87 19.68 -6.07
C ASP B 68 27.07 20.09 -4.83
N ALA B 69 27.75 20.72 -3.87
CA ALA B 69 27.09 21.16 -2.64
C ALA B 69 26.02 22.23 -2.88
N GLY B 70 26.10 22.92 -4.01
CA GLY B 70 25.08 23.88 -4.41
C GLY B 70 23.80 23.25 -4.98
N VAL B 71 23.82 21.94 -5.20
CA VAL B 71 22.63 21.22 -5.66
C VAL B 71 21.94 20.57 -4.46
N LYS B 72 20.66 20.84 -4.28
CA LYS B 72 19.88 20.36 -3.14
C LYS B 72 18.88 19.26 -3.53
N ALA B 73 18.54 19.18 -4.80
CA ALA B 73 17.57 18.22 -5.32
C ALA B 73 17.78 18.05 -6.82
N VAL B 74 17.24 16.96 -7.35
CA VAL B 74 17.41 16.63 -8.76
C VAL B 74 16.05 16.40 -9.43
N ILE B 75 15.84 17.07 -10.56
CA ILE B 75 14.67 16.84 -11.40
C ILE B 75 15.12 16.08 -12.64
N VAL B 76 14.38 15.04 -13.00
CA VAL B 76 14.59 14.36 -14.26
C VAL B 76 13.30 14.47 -15.11
N ARG B 77 13.49 14.80 -16.38
CA ARG B 77 12.39 15.00 -17.32
C ARG B 77 12.87 14.62 -18.72
N GLY B 78 11.97 14.64 -19.69
CA GLY B 78 12.34 14.35 -21.08
C GLY B 78 12.13 15.52 -22.04
N ALA B 79 12.88 15.49 -23.13
CA ALA B 79 12.73 16.46 -24.21
C ALA B 79 11.75 15.97 -25.28
N GLY B 80 11.33 16.88 -26.16
CA GLY B 80 10.53 16.49 -27.32
C GLY B 80 9.12 16.01 -27.00
N ASN B 81 8.55 16.49 -25.90
CA ASN B 81 7.17 16.22 -25.53
C ASN B 81 6.95 14.78 -25.05
N ALA B 82 8.00 14.21 -24.46
CA ALA B 82 7.95 12.85 -23.92
C ALA B 82 8.95 12.73 -22.80
N PHE B 83 8.73 11.79 -21.88
CA PHE B 83 9.72 11.46 -20.86
C PHE B 83 10.70 10.46 -21.47
N SER B 84 10.28 9.21 -21.62
CA SER B 84 11.05 8.19 -22.35
C SER B 84 10.23 6.93 -22.57
N SER B 85 10.47 6.27 -23.71
CA SER B 85 9.83 4.99 -24.01
C SER B 85 10.56 3.79 -23.36
N GLY B 86 11.70 4.05 -22.73
CA GLY B 86 12.45 3.02 -22.01
C GLY B 86 13.76 2.65 -22.65
N PHE B 87 14.31 1.50 -22.27
CA PHE B 87 15.61 1.07 -22.81
C PHE B 87 15.48 0.88 -24.32
N ASP B 88 16.54 1.23 -25.04
CA ASP B 88 16.51 1.38 -26.50
C ASP B 88 16.48 0.03 -27.21
N LEU B 89 15.36 -0.26 -27.88
CA LEU B 89 15.19 -1.55 -28.59
C LEU B 89 15.87 -1.58 -29.95
N LYS B 90 16.00 -0.41 -30.59
CA LYS B 90 16.72 -0.33 -31.86
C LYS B 90 18.20 -0.66 -31.64
N ALA B 91 18.78 -0.13 -30.56
CA ALA B 91 20.15 -0.46 -30.18
C ALA B 91 20.30 -1.94 -29.88
N GLN B 92 19.30 -2.51 -29.20
CA GLN B 92 19.30 -3.93 -28.87
C GLN B 92 19.22 -4.78 -30.14
N MSE B 93 18.36 -4.38 -31.07
CA MSE B 93 18.20 -5.06 -32.36
C MSE B 93 19.51 -5.14 -33.10
O MSE B 93 19.85 -6.17 -33.69
CB MSE B 93 17.20 -4.30 -33.23
CG MSE B 93 16.90 -4.96 -34.57
SE MSE B 93 15.74 -3.80 -35.66
CE MSE B 93 17.04 -2.36 -36.04
N GLU B 94 20.28 -4.05 -33.07
CA GLU B 94 21.55 -3.98 -33.79
C GLU B 94 22.66 -4.76 -33.08
N ALA B 95 22.73 -4.65 -31.76
CA ALA B 95 23.81 -5.25 -30.97
C ALA B 95 23.70 -6.78 -30.88
N ARG B 96 22.46 -7.29 -30.86
CA ARG B 96 22.20 -8.74 -30.82
C ARG B 96 22.93 -9.44 -29.66
N PRO B 97 22.76 -8.93 -28.42
CA PRO B 97 23.38 -9.66 -27.31
C PRO B 97 22.83 -11.08 -27.22
N ALA B 98 23.69 -12.04 -26.94
CA ALA B 98 23.27 -13.43 -26.92
C ALA B 98 23.89 -14.15 -25.75
N GLY B 99 23.05 -14.65 -24.85
CA GLY B 99 23.50 -15.49 -23.75
C GLY B 99 23.64 -14.73 -22.44
N VAL B 100 23.80 -15.50 -21.37
CA VAL B 100 23.86 -14.96 -20.01
C VAL B 100 25.00 -13.97 -19.81
N ASP B 101 26.21 -14.33 -20.24
CA ASP B 101 27.39 -13.50 -19.96
C ASP B 101 27.33 -12.15 -20.69
N ALA B 102 26.71 -12.14 -21.87
CA ALA B 102 26.49 -10.91 -22.62
C ALA B 102 25.45 -10.03 -21.95
N TRP B 103 24.37 -10.64 -21.47
CA TRP B 103 23.27 -9.89 -20.87
C TRP B 103 23.56 -9.37 -19.46
N ARG B 104 24.38 -10.09 -18.70
CA ARG B 104 24.62 -9.70 -17.30
C ARG B 104 25.04 -8.23 -17.15
N PRO B 105 26.10 -7.78 -17.86
CA PRO B 105 26.50 -6.37 -17.69
C PRO B 105 25.48 -5.35 -18.21
N LEU B 106 24.70 -5.73 -19.21
CA LEU B 106 23.66 -4.84 -19.76
C LEU B 106 22.57 -4.60 -18.71
N LEU B 107 22.08 -5.68 -18.12
CA LEU B 107 21.06 -5.60 -17.08
C LEU B 107 21.58 -4.89 -15.82
N ARG B 108 22.84 -5.14 -15.49
CA ARG B 108 23.45 -4.54 -14.30
C ARG B 108 23.48 -3.02 -14.40
N LYS B 109 23.86 -2.53 -15.58
CA LYS B 109 23.92 -1.09 -15.84
C LYS B 109 22.52 -0.49 -15.86
N ASP B 110 21.57 -1.17 -16.52
CA ASP B 110 20.16 -0.75 -16.53
C ASP B 110 19.64 -0.59 -15.10
N PHE B 111 19.79 -1.65 -14.33
CA PHE B 111 19.30 -1.70 -12.95
C PHE B 111 19.96 -0.65 -12.06
N ASP B 112 21.29 -0.60 -12.10
CA ASP B 112 22.01 0.32 -11.24
C ASP B 112 21.75 1.78 -11.58
N THR B 113 21.54 2.08 -12.86
CA THR B 113 21.25 3.46 -13.27
C THR B 113 19.88 3.90 -12.76
N VAL B 114 18.88 3.03 -12.92
CA VAL B 114 17.55 3.29 -12.38
C VAL B 114 17.63 3.52 -10.87
N MSE B 115 18.35 2.64 -10.17
CA MSE B 115 18.40 2.72 -8.71
C MSE B 115 19.22 3.89 -8.19
O MSE B 115 19.14 4.20 -7.02
CB MSE B 115 18.89 1.40 -8.13
CG MSE B 115 17.88 0.27 -8.36
SE MSE B 115 16.09 0.60 -7.58
CE MSE B 115 16.62 0.54 -5.68
N ARG B 116 19.98 4.57 -9.06
CA ARG B 116 20.63 5.84 -8.66
C ARG B 116 19.62 6.82 -8.07
N PHE B 117 18.40 6.81 -8.60
CA PHE B 117 17.38 7.78 -8.21
C PHE B 117 16.76 7.46 -6.86
N TRP B 118 16.78 6.19 -6.48
CA TRP B 118 16.35 5.78 -5.14
C TRP B 118 17.46 6.08 -4.12
N HIS B 119 18.68 5.62 -4.40
CA HIS B 119 19.79 5.74 -3.47
C HIS B 119 20.37 7.16 -3.35
N CYS B 120 20.05 8.04 -4.29
CA CYS B 120 20.58 9.40 -4.27
C CYS B 120 20.40 10.01 -2.88
N PRO B 121 21.50 10.53 -2.29
CA PRO B 121 21.35 11.18 -0.98
C PRO B 121 20.40 12.38 -0.98
N LYS B 122 20.25 13.02 -2.14
CA LYS B 122 19.38 14.18 -2.30
C LYS B 122 18.05 13.74 -2.91
N PRO B 123 16.97 14.49 -2.65
CA PRO B 123 15.70 14.06 -3.22
C PRO B 123 15.64 14.18 -4.75
N THR B 124 14.94 13.22 -5.36
CA THR B 124 14.80 13.14 -6.80
C THR B 124 13.34 13.24 -7.19
N ILE B 125 13.08 13.96 -8.27
CA ILE B 125 11.72 14.24 -8.71
C ILE B 125 11.62 13.95 -10.20
N ALA B 126 10.78 12.99 -10.57
CA ALA B 126 10.50 12.71 -11.98
C ALA B 126 9.37 13.63 -12.43
N ALA B 127 9.60 14.34 -13.52
CA ALA B 127 8.61 15.26 -14.10
C ALA B 127 8.27 14.73 -15.49
N VAL B 128 7.07 14.19 -15.62
CA VAL B 128 6.71 13.36 -16.77
C VAL B 128 5.64 14.00 -17.65
N ARG B 129 5.91 14.06 -18.95
CA ARG B 129 4.88 14.30 -19.96
C ARG B 129 4.94 13.19 -21.00
N GLY B 130 3.84 12.97 -21.70
CA GLY B 130 3.79 11.91 -22.71
C GLY B 130 4.17 10.55 -22.17
N PRO B 131 4.86 9.73 -22.99
CA PRO B 131 5.13 8.34 -22.56
C PRO B 131 6.19 8.24 -21.48
N CYS B 132 5.95 7.34 -20.53
CA CYS B 132 6.91 6.99 -19.50
C CYS B 132 6.77 5.48 -19.35
N LEU B 133 7.56 4.75 -20.13
CA LEU B 133 7.31 3.31 -20.32
C LEU B 133 8.52 2.44 -20.00
N ALA B 134 8.25 1.23 -19.54
CA ALA B 134 9.26 0.19 -19.41
C ALA B 134 10.39 0.64 -18.48
N GLY B 135 11.64 0.58 -18.92
CA GLY B 135 12.76 1.05 -18.10
C GLY B 135 12.65 2.48 -17.62
N ALA B 136 11.98 3.34 -18.39
CA ALA B 136 11.76 4.72 -18.00
C ALA B 136 10.67 4.85 -16.93
N CYS B 137 9.67 3.97 -16.99
CA CYS B 137 8.67 3.90 -15.93
C CYS B 137 9.36 3.50 -14.63
N GLU B 138 10.30 2.56 -14.73
CA GLU B 138 11.05 2.10 -13.55
C GLU B 138 11.94 3.22 -12.99
N LEU B 139 12.58 3.96 -13.89
CA LEU B 139 13.34 5.14 -13.50
C LEU B 139 12.47 6.12 -12.69
N ALA B 140 11.29 6.43 -13.20
CA ALA B 140 10.37 7.32 -12.47
C ALA B 140 9.91 6.70 -11.14
N LEU B 141 9.63 5.40 -11.14
CA LEU B 141 9.25 4.72 -9.90
C LEU B 141 10.32 4.88 -8.81
N ALA B 142 11.59 4.87 -9.22
CA ALA B 142 12.71 4.96 -8.27
C ALA B 142 12.86 6.36 -7.66
N CYS B 143 12.31 7.38 -8.32
CA CYS B 143 12.42 8.75 -7.81
C CYS B 143 11.57 8.94 -6.57
N ASP B 144 11.98 9.85 -5.71
CA ASP B 144 11.27 10.10 -4.47
C ASP B 144 9.85 10.55 -4.72
N MSE B 145 9.67 11.42 -5.72
CA MSE B 145 8.35 11.86 -6.14
C MSE B 145 8.24 11.86 -7.64
O MSE B 145 9.24 11.95 -8.34
CB MSE B 145 8.10 13.29 -5.67
CG MSE B 145 7.99 13.37 -4.16
SE MSE B 145 7.76 15.26 -3.68
CE MSE B 145 6.04 15.57 -4.58
N THR B 146 7.01 11.76 -8.13
CA THR B 146 6.73 11.87 -9.56
C THR B 146 5.58 12.84 -9.78
N ILE B 147 5.80 13.80 -10.68
CA ILE B 147 4.77 14.73 -11.12
C ILE B 147 4.50 14.43 -12.59
N ALA B 148 3.26 14.55 -13.02
CA ALA B 148 2.90 14.23 -14.41
C ALA B 148 1.92 15.24 -14.98
N THR B 149 1.99 15.42 -16.29
CA THR B 149 0.99 16.22 -17.00
C THR B 149 -0.25 15.36 -17.25
N GLU B 150 -1.35 16.01 -17.60
CA GLU B 150 -2.61 15.31 -17.88
C GLU B 150 -2.46 14.31 -19.03
N ASP B 151 -1.57 14.60 -19.99
CA ASP B 151 -1.36 13.76 -21.17
C ASP B 151 -0.35 12.64 -20.99
N ALA B 152 0.27 12.57 -19.82
CA ALA B 152 1.29 11.55 -19.56
C ALA B 152 0.62 10.18 -19.46
N PHE B 153 1.35 9.14 -19.87
CA PHE B 153 0.88 7.79 -19.73
C PHE B 153 2.03 6.86 -19.37
N PHE B 154 1.70 5.81 -18.63
CA PHE B 154 2.69 4.99 -17.96
C PHE B 154 2.47 3.52 -18.25
N GLY B 155 3.47 2.72 -17.91
CA GLY B 155 3.32 1.28 -17.93
C GLY B 155 4.58 0.51 -18.23
N GLU B 156 4.41 -0.81 -18.29
CA GLU B 156 5.49 -1.76 -18.39
C GLU B 156 5.14 -2.76 -19.49
N PRO B 157 5.38 -2.39 -20.77
CA PRO B 157 5.00 -3.26 -21.89
C PRO B 157 5.93 -4.46 -22.13
N GLU B 158 6.97 -4.61 -21.31
CA GLU B 158 8.03 -5.60 -21.53
C GLU B 158 7.53 -6.98 -21.99
N LEU B 159 6.58 -7.56 -21.27
CA LEU B 159 6.16 -8.94 -21.56
C LEU B 159 5.57 -9.09 -22.96
N LYS B 160 4.96 -8.02 -23.49
CA LYS B 160 4.44 -8.04 -24.86
C LYS B 160 5.58 -8.09 -25.89
N PHE B 161 6.74 -7.52 -25.55
CA PHE B 161 7.96 -7.61 -26.38
C PHE B 161 8.71 -8.92 -26.19
N GLY B 162 8.28 -9.78 -25.26
CA GLY B 162 9.04 -10.96 -24.90
C GLY B 162 10.21 -10.67 -23.97
N ALA B 163 10.21 -9.49 -23.35
CA ALA B 163 11.24 -9.09 -22.40
C ALA B 163 10.74 -9.27 -20.97
N GLY B 164 11.66 -9.53 -20.06
CA GLY B 164 11.34 -9.55 -18.64
C GLY B 164 11.52 -8.18 -18.02
N ILE B 165 11.10 -8.07 -16.76
CA ILE B 165 11.20 -6.83 -16.00
C ILE B 165 12.59 -6.72 -15.37
N VAL B 166 13.30 -5.63 -15.66
CA VAL B 166 14.65 -5.43 -15.14
C VAL B 166 14.62 -4.97 -13.67
N VAL B 167 13.83 -3.95 -13.40
CA VAL B 167 13.73 -3.36 -12.05
C VAL B 167 12.31 -3.47 -11.55
N MSE B 168 12.06 -4.45 -10.68
CA MSE B 168 10.68 -4.76 -10.25
C MSE B 168 10.29 -3.92 -9.05
O MSE B 168 9.95 -4.43 -7.99
CB MSE B 168 10.48 -6.25 -9.98
CG MSE B 168 8.99 -6.60 -10.02
SE MSE B 168 8.77 -8.54 -9.94
CE MSE B 168 8.71 -8.77 -11.89
N LEU B 169 10.33 -2.61 -9.23
CA LEU B 169 9.88 -1.68 -8.19
C LEU B 169 8.36 -1.61 -8.05
N LEU B 170 7.64 -1.93 -9.11
CA LEU B 170 6.19 -1.66 -9.13
C LEU B 170 5.41 -2.19 -7.92
N PRO B 171 5.62 -3.47 -7.52
CA PRO B 171 4.87 -3.96 -6.35
C PRO B 171 5.26 -3.30 -5.01
N TRP B 172 6.37 -2.57 -4.98
CA TRP B 172 6.74 -1.78 -3.80
C TRP B 172 6.08 -0.41 -3.78
N ILE B 173 5.62 0.06 -4.93
CA ILE B 173 5.08 1.42 -5.07
C ILE B 173 3.54 1.41 -5.06
N VAL B 174 2.94 0.43 -5.73
CA VAL B 174 1.49 0.29 -5.83
C VAL B 174 1.11 -1.07 -5.23
N GLY B 175 -0.18 -1.33 -5.04
CA GLY B 175 -0.57 -2.62 -4.43
C GLY B 175 -0.19 -3.83 -5.29
N PRO B 176 -0.19 -5.04 -4.70
CA PRO B 176 0.15 -6.26 -5.44
C PRO B 176 -0.77 -6.57 -6.63
N LYS B 177 -2.08 -6.41 -6.46
CA LYS B 177 -3.02 -6.70 -7.55
C LYS B 177 -2.77 -5.78 -8.74
N ILE B 178 -2.55 -4.50 -8.45
CA ILE B 178 -2.34 -3.51 -9.49
C ILE B 178 -1.00 -3.74 -10.20
N ALA B 179 0.05 -4.06 -9.44
CA ALA B 179 1.34 -4.36 -10.04
C ALA B 179 1.27 -5.58 -10.95
N LYS B 180 0.55 -6.62 -10.53
CA LYS B 180 0.42 -7.83 -11.36
C LYS B 180 -0.31 -7.57 -12.66
N GLU B 181 -1.38 -6.79 -12.60
CA GLU B 181 -2.12 -6.42 -13.80
C GLU B 181 -1.23 -5.66 -14.79
N ILE B 182 -0.53 -4.64 -14.31
CA ILE B 182 0.28 -3.82 -15.21
C ILE B 182 1.39 -4.66 -15.86
N ILE B 183 2.09 -5.47 -15.06
CA ILE B 183 3.23 -6.21 -15.58
C ILE B 183 2.84 -7.45 -16.38
N LEU B 184 1.90 -8.25 -15.88
CA LEU B 184 1.53 -9.48 -16.59
C LEU B 184 0.78 -9.22 -17.89
N LEU B 185 0.08 -8.10 -17.97
CA LEU B 185 -0.62 -7.73 -19.21
C LEU B 185 0.18 -6.77 -20.08
N GLY B 186 1.27 -6.21 -19.54
CA GLY B 186 2.06 -5.25 -20.29
C GLY B 186 1.31 -3.96 -20.56
N GLU B 187 0.55 -3.48 -19.58
CA GLU B 187 -0.21 -2.24 -19.72
C GLU B 187 0.75 -1.10 -19.98
N ASP B 188 0.48 -0.34 -21.04
CA ASP B 188 1.38 0.73 -21.48
C ASP B 188 0.65 2.02 -21.87
N ARG B 189 -0.59 2.18 -21.38
CA ARG B 189 -1.37 3.40 -21.62
C ARG B 189 -2.09 3.83 -20.35
N VAL B 190 -1.46 3.64 -19.20
CA VAL B 190 -2.07 3.98 -17.93
C VAL B 190 -2.05 5.51 -17.82
N PRO B 191 -3.24 6.14 -17.80
CA PRO B 191 -3.24 7.61 -17.77
C PRO B 191 -2.71 8.19 -16.46
N ALA B 192 -2.22 9.42 -16.51
CA ALA B 192 -1.69 10.11 -15.34
C ALA B 192 -2.68 10.11 -14.15
N ARG B 193 -3.95 10.36 -14.44
CA ARG B 193 -5.00 10.37 -13.42
C ARG B 193 -5.06 9.02 -12.68
N ARG B 194 -4.98 7.93 -13.43
CA ARG B 194 -5.02 6.59 -12.85
C ARG B 194 -3.73 6.31 -12.08
N ALA B 195 -2.61 6.74 -12.64
CA ALA B 195 -1.32 6.57 -11.98
C ALA B 195 -1.31 7.27 -10.62
N ALA B 196 -1.98 8.43 -10.54
CA ALA B 196 -2.11 9.14 -9.28
C ALA B 196 -3.01 8.39 -8.29
N GLU B 197 -4.09 7.78 -8.79
CA GLU B 197 -4.97 6.99 -7.93
C GLU B 197 -4.26 5.84 -7.24
N ILE B 198 -3.32 5.21 -7.95
CA ILE B 198 -2.67 4.00 -7.44
C ILE B 198 -1.36 4.30 -6.71
N GLY B 199 -0.96 5.57 -6.68
CA GLY B 199 0.23 5.99 -5.91
C GLY B 199 1.54 6.00 -6.67
N MSE B 200 1.47 5.84 -8.00
CA MSE B 200 2.64 5.91 -8.88
C MSE B 200 3.02 7.36 -9.13
O MSE B 200 4.19 7.65 -9.36
CB MSE B 200 2.32 5.19 -10.19
CG MSE B 200 3.43 5.32 -11.24
SE MSE B 200 2.97 4.38 -12.92
CE MSE B 200 2.08 2.82 -12.14
N VAL B 201 2.03 8.24 -9.11
CA VAL B 201 2.22 9.67 -9.36
C VAL B 201 1.69 10.46 -8.17
N ASN B 202 2.43 11.47 -7.74
CA ASN B 202 2.06 12.32 -6.60
C ASN B 202 1.06 13.39 -7.01
N ARG B 203 1.33 14.06 -8.13
CA ARG B 203 0.50 15.19 -8.58
C ARG B 203 0.37 15.18 -10.09
N VAL B 204 -0.83 15.49 -10.56
CA VAL B 204 -1.08 15.72 -11.97
C VAL B 204 -1.29 17.21 -12.19
N VAL B 205 -0.62 17.75 -13.21
CA VAL B 205 -0.66 19.18 -13.52
C VAL B 205 -0.95 19.43 -15.00
N ASP B 206 -1.23 20.68 -15.35
CA ASP B 206 -1.43 21.08 -16.75
C ASP B 206 -0.14 20.92 -17.54
N GLY B 207 -0.28 20.70 -18.85
CA GLY B 207 0.86 20.47 -19.73
C GLY B 207 1.94 21.54 -19.66
N ASP B 208 1.53 22.80 -19.56
CA ASP B 208 2.48 23.91 -19.53
C ASP B 208 2.97 24.24 -18.12
N GLY B 209 2.47 23.53 -17.11
CA GLY B 209 2.81 23.82 -15.73
C GLY B 209 3.77 22.83 -15.09
N LEU B 210 4.25 21.86 -15.86
CA LEU B 210 5.10 20.79 -15.33
C LEU B 210 6.44 21.30 -14.79
N ASP B 211 7.16 22.08 -15.58
CA ASP B 211 8.46 22.58 -15.18
C ASP B 211 8.35 23.42 -13.91
N ALA B 212 7.34 24.26 -13.86
CA ALA B 212 7.16 25.17 -12.74
C ALA B 212 6.83 24.42 -11.45
N GLU B 213 6.01 23.38 -11.55
CA GLU B 213 5.64 22.58 -10.39
C GLU B 213 6.84 21.81 -9.85
N ALA B 214 7.56 21.15 -10.75
CA ALA B 214 8.77 20.42 -10.36
C ALA B 214 9.77 21.34 -9.69
N LEU B 215 9.95 22.53 -10.25
CA LEU B 215 10.88 23.51 -9.68
C LEU B 215 10.44 24.05 -8.32
N ARG B 216 9.14 24.29 -8.16
CA ARG B 216 8.62 24.75 -6.87
C ARG B 216 8.90 23.71 -5.78
N ILE B 217 8.67 22.45 -6.10
CA ILE B 217 8.92 21.35 -5.17
C ILE B 217 10.41 21.27 -4.83
N ALA B 218 11.25 21.33 -5.86
CA ALA B 218 12.69 21.22 -5.68
C ALA B 218 13.26 22.40 -4.88
N ARG B 219 12.77 23.60 -5.14
CA ARG B 219 13.23 24.79 -4.42
C ARG B 219 12.71 24.80 -2.98
N HIS B 220 11.55 24.21 -2.75
CA HIS B 220 11.01 24.03 -1.39
C HIS B 220 11.98 23.16 -0.58
N ILE B 221 12.35 22.02 -1.15
CA ILE B 221 13.34 21.13 -0.55
C ILE B 221 14.66 21.85 -0.32
N GLY B 222 15.08 22.65 -1.31
CA GLY B 222 16.34 23.37 -1.25
C GLY B 222 16.44 24.45 -0.17
N ALA B 223 15.30 24.84 0.40
CA ALA B 223 15.26 25.78 1.52
C ALA B 223 15.57 25.11 2.85
N ILE B 224 15.55 23.79 2.88
CA ILE B 224 15.76 23.04 4.13
C ILE B 224 17.23 22.68 4.29
N ASP B 225 17.70 22.70 5.54
CA ASP B 225 19.03 22.22 5.90
C ASP B 225 19.34 20.92 5.14
N PRO B 226 20.40 20.91 4.30
CA PRO B 226 20.65 19.70 3.51
C PRO B 226 20.86 18.43 4.34
N GLY B 227 21.51 18.55 5.49
CA GLY B 227 21.70 17.39 6.36
C GLY B 227 20.40 16.82 6.88
N LEU B 228 19.45 17.69 7.21
CA LEU B 228 18.14 17.28 7.69
C LEU B 228 17.39 16.49 6.61
N VAL B 229 17.42 17.02 5.39
CA VAL B 229 16.80 16.34 4.25
C VAL B 229 17.47 14.99 4.01
N LYS B 230 18.80 14.98 4.03
CA LYS B 230 19.57 13.78 3.79
C LYS B 230 19.21 12.68 4.78
N GLU B 231 19.22 13.03 6.06
CA GLU B 231 18.97 12.02 7.10
C GLU B 231 17.52 11.57 7.10
N THR B 232 16.60 12.46 6.76
CA THR B 232 15.20 12.11 6.72
C THR B 232 14.92 11.19 5.53
N LYS B 233 15.53 11.46 4.37
CA LYS B 233 15.40 10.54 3.25
C LYS B 233 16.00 9.17 3.60
N ARG B 234 17.12 9.15 4.33
CA ARG B 234 17.70 7.88 4.76
C ARG B 234 16.69 7.08 5.56
N ALA B 235 15.99 7.75 6.46
CA ALA B 235 15.01 7.11 7.33
C ALA B 235 13.83 6.60 6.52
N LEU B 236 13.38 7.40 5.54
CA LEU B 236 12.26 7.00 4.68
C LEU B 236 12.62 5.77 3.84
N ASN B 237 13.79 5.78 3.21
CA ASN B 237 14.22 4.64 2.42
C ASN B 237 14.39 3.39 3.27
N ARG B 238 14.82 3.58 4.52
CA ARG B 238 15.02 2.47 5.44
C ARG B 238 13.75 1.67 5.67
N ALA B 239 12.60 2.34 5.63
CA ALA B 239 11.32 1.64 5.80
C ALA B 239 11.13 0.54 4.75
N LEU B 240 11.41 0.85 3.49
CA LEU B 240 11.27 -0.15 2.43
C LEU B 240 12.44 -1.14 2.43
N GLU B 241 13.64 -0.66 2.72
CA GLU B 241 14.80 -1.54 2.75
C GLU B 241 14.69 -2.57 3.88
N THR B 242 14.07 -2.17 4.99
CA THR B 242 13.83 -3.08 6.11
C THR B 242 12.96 -4.27 5.70
N GLN B 243 12.04 -4.02 4.79
CA GLN B 243 11.14 -5.05 4.29
C GLN B 243 11.82 -6.05 3.35
N GLY B 244 13.06 -5.74 2.95
CA GLY B 244 13.85 -6.61 2.08
C GLY B 244 13.78 -6.22 0.61
N MSE B 245 13.34 -4.99 0.33
CA MSE B 245 13.16 -4.58 -1.07
C MSE B 245 14.39 -4.80 -1.92
O MSE B 245 14.29 -5.24 -3.06
CB MSE B 245 12.72 -3.12 -1.17
CG MSE B 245 12.56 -2.72 -2.63
SE MSE B 245 11.82 -0.92 -2.82
CE MSE B 245 13.50 0.06 -2.68
N LEU B 246 15.58 -4.49 -1.40
CA LEU B 246 16.79 -4.62 -2.22
C LEU B 246 17.09 -6.08 -2.58
N GLN B 247 16.78 -7.01 -1.68
CA GLN B 247 16.93 -8.43 -2.00
C GLN B 247 15.89 -8.87 -3.04
N ALA B 248 14.66 -8.40 -2.90
CA ALA B 248 13.60 -8.74 -3.85
C ALA B 248 13.93 -8.21 -5.23
N LEU B 249 14.48 -7.01 -5.29
CA LEU B 249 14.88 -6.40 -6.57
C LEU B 249 16.02 -7.17 -7.22
N GLU B 250 17.03 -7.55 -6.44
CA GLU B 250 18.15 -8.33 -6.96
C GLU B 250 17.67 -9.71 -7.44
N SER B 251 16.72 -10.30 -6.72
CA SER B 251 16.14 -11.59 -7.14
C SER B 251 15.43 -11.47 -8.47
N ALA B 252 14.63 -10.42 -8.64
CA ALA B 252 13.92 -10.22 -9.91
C ALA B 252 14.92 -9.96 -11.05
N LEU B 253 16.00 -9.26 -10.76
CA LEU B 253 17.04 -8.99 -11.75
C LEU B 253 17.73 -10.29 -12.19
N GLU B 254 17.96 -11.20 -11.24
CA GLU B 254 18.58 -12.49 -11.57
C GLU B 254 17.65 -13.37 -12.38
N ILE B 255 16.36 -13.31 -12.05
CA ILE B 255 15.34 -14.01 -12.83
C ILE B 255 15.33 -13.46 -14.26
N ASP B 256 15.45 -12.14 -14.41
CA ASP B 256 15.48 -11.53 -15.74
C ASP B 256 16.73 -11.93 -16.53
N LEU B 257 17.85 -12.11 -15.83
CA LEU B 257 19.07 -12.56 -16.50
C LEU B 257 18.86 -13.94 -17.13
N ALA B 258 18.17 -14.84 -16.42
CA ALA B 258 17.82 -16.14 -17.00
C ALA B 258 16.88 -16.00 -18.19
N ILE B 259 15.87 -15.14 -18.06
CA ILE B 259 14.91 -14.92 -19.15
C ILE B 259 15.62 -14.43 -20.41
N GLU B 260 16.44 -13.39 -20.25
CA GLU B 260 17.08 -12.77 -21.41
C GLU B 260 18.27 -13.58 -21.90
N GLY B 261 18.94 -14.27 -20.99
CA GLY B 261 20.07 -15.14 -21.35
C GLY B 261 19.64 -16.29 -22.23
N ALA B 262 18.46 -16.85 -21.93
CA ALA B 262 17.85 -17.87 -22.78
C ALA B 262 17.31 -17.24 -24.06
N GLY B 263 16.62 -16.11 -23.88
CA GLY B 263 15.95 -15.41 -24.97
C GLY B 263 14.55 -15.98 -25.19
N SER B 264 13.53 -15.20 -24.89
CA SER B 264 12.16 -15.64 -25.10
C SER B 264 11.90 -15.76 -26.60
N PRO B 265 11.21 -16.84 -27.03
CA PRO B 265 10.83 -16.90 -28.45
C PRO B 265 9.97 -15.72 -28.88
N ASP B 266 9.23 -15.12 -27.96
CA ASP B 266 8.44 -13.93 -28.27
C ASP B 266 9.32 -12.75 -28.69
N LYS B 267 10.45 -12.59 -28.02
CA LYS B 267 11.37 -11.51 -28.35
C LYS B 267 12.13 -11.82 -29.63
N ILE B 268 12.58 -13.05 -29.76
CA ILE B 268 13.30 -13.48 -30.97
C ILE B 268 12.42 -13.24 -32.19
N ALA B 269 11.15 -13.61 -32.10
CA ALA B 269 10.18 -13.38 -33.18
C ALA B 269 9.96 -11.89 -33.45
N PHE B 270 9.87 -11.09 -32.39
CA PHE B 270 9.68 -9.65 -32.53
C PHE B 270 10.82 -9.03 -33.33
N PHE B 271 12.06 -9.36 -32.99
CA PHE B 271 13.21 -8.76 -33.67
C PHE B 271 13.41 -9.32 -35.08
N GLU B 272 12.92 -10.53 -35.34
CA GLU B 272 12.93 -11.09 -36.70
C GLU B 272 12.09 -10.23 -37.62
N VAL B 273 10.91 -9.81 -37.16
CA VAL B 273 10.07 -8.89 -37.91
C VAL B 273 10.73 -7.51 -38.00
N ALA B 274 11.30 -7.04 -36.88
CA ALA B 274 11.90 -5.72 -36.82
C ALA B 274 13.07 -5.53 -37.78
N ARG B 275 13.94 -6.55 -37.88
CA ARG B 275 15.09 -6.49 -38.79
C ARG B 275 14.66 -6.53 -40.25
N ARG B 276 13.55 -7.21 -40.52
CA ARG B 276 13.02 -7.40 -41.87
C ARG B 276 12.18 -6.20 -42.33
N ASP B 277 11.17 -5.85 -41.54
CA ASP B 277 10.18 -4.83 -41.93
C ASP B 277 10.23 -3.54 -41.11
N GLY B 278 11.12 -3.48 -40.12
CA GLY B 278 11.25 -2.30 -39.27
C GLY B 278 10.49 -2.43 -37.96
N LEU B 279 10.89 -1.65 -36.97
CA LEU B 279 10.31 -1.68 -35.63
C LEU B 279 8.82 -1.34 -35.62
N ARG B 280 8.46 -0.31 -36.38
CA ARG B 280 7.08 0.06 -36.66
C ARG B 280 6.20 -1.16 -37.01
N ALA B 281 6.65 -1.97 -37.96
CA ALA B 281 5.92 -3.16 -38.39
C ALA B 281 5.94 -4.23 -37.30
N ALA B 282 7.05 -4.32 -36.58
CA ALA B 282 7.20 -5.29 -35.49
C ALA B 282 6.21 -5.03 -34.36
N ILE B 283 6.00 -3.75 -34.05
CA ILE B 283 5.02 -3.35 -33.04
C ILE B 283 3.59 -3.67 -33.51
N ALA B 284 3.33 -3.48 -34.80
CA ALA B 284 2.04 -3.87 -35.38
C ALA B 284 1.82 -5.38 -35.31
N TRP B 285 2.87 -6.14 -35.63
CA TRP B 285 2.85 -7.59 -35.50
C TRP B 285 2.60 -8.00 -34.04
N ARG B 286 3.28 -7.31 -33.12
CA ARG B 286 3.13 -7.58 -31.69
C ARG B 286 1.70 -7.37 -31.23
N ASP B 287 1.13 -6.20 -31.56
CA ASP B 287 -0.22 -5.85 -31.12
C ASP B 287 -1.28 -6.82 -31.65
N ALA B 288 -1.07 -7.34 -32.86
CA ALA B 288 -2.01 -8.30 -33.46
C ALA B 288 -2.07 -9.64 -32.73
N ARG B 289 -1.07 -9.94 -31.90
CA ARG B 289 -1.07 -11.16 -31.11
C ARG B 289 -2.06 -11.11 -29.93
N PHE B 290 -2.46 -9.91 -29.54
CA PHE B 290 -3.30 -9.70 -28.35
C PHE B 290 -4.69 -9.21 -28.72
N PRO B 291 -5.66 -9.39 -27.83
CA PRO B 291 -7.00 -8.85 -28.06
C PRO B 291 -6.95 -7.35 -28.39
N ALA B 292 -7.80 -6.91 -29.32
CA ALA B 292 -7.84 -5.50 -29.72
C ALA B 292 -8.28 -4.62 -28.55
N TYR C 25 -17.27 -33.34 -11.71
CA TYR C 25 -17.38 -32.70 -10.36
C TYR C 25 -18.84 -32.42 -9.96
N SER C 26 -19.08 -32.42 -8.66
CA SER C 26 -20.43 -32.28 -8.10
C SER C 26 -20.76 -30.85 -7.64
N LYS C 27 -19.76 -30.13 -7.13
CA LYS C 27 -19.98 -28.82 -6.54
C LYS C 27 -19.27 -27.69 -7.30
N ILE C 28 -18.49 -28.04 -8.32
CA ILE C 28 -17.90 -27.04 -9.21
C ILE C 28 -18.11 -27.47 -10.66
N LEU C 29 -17.90 -26.52 -11.56
CA LEU C 29 -17.71 -26.83 -12.96
C LEU C 29 -16.26 -26.55 -13.29
N TYR C 30 -15.68 -27.39 -14.14
CA TYR C 30 -14.34 -27.16 -14.66
C TYR C 30 -14.41 -27.21 -16.19
N GLU C 31 -13.96 -26.13 -16.82
CA GLU C 31 -13.96 -25.99 -18.27
C GLU C 31 -12.56 -25.61 -18.72
N THR C 32 -12.16 -26.06 -19.90
CA THR C 32 -11.07 -25.42 -20.62
C THR C 32 -11.63 -24.83 -21.90
N LEU C 33 -11.25 -23.58 -22.18
CA LEU C 33 -11.65 -22.90 -23.40
C LEU C 33 -10.61 -21.86 -23.78
N HIS C 34 -10.27 -21.80 -25.05
CA HIS C 34 -9.35 -20.78 -25.55
C HIS C 34 -8.03 -20.70 -24.79
N GLY C 35 -7.52 -21.86 -24.36
CA GLY C 35 -6.25 -21.93 -23.63
C GLY C 35 -6.34 -21.44 -22.19
N VAL C 36 -7.56 -21.38 -21.67
CA VAL C 36 -7.84 -20.88 -20.32
C VAL C 36 -8.63 -21.95 -19.58
N ALA C 37 -8.32 -22.16 -18.31
CA ALA C 37 -9.15 -23.01 -17.46
C ALA C 37 -10.12 -22.11 -16.71
N ARG C 38 -11.35 -22.58 -16.52
CA ARG C 38 -12.34 -21.82 -15.77
C ARG C 38 -13.01 -22.71 -14.75
N ILE C 39 -12.95 -22.29 -13.48
CA ILE C 39 -13.60 -22.97 -12.38
C ILE C 39 -14.82 -22.18 -11.95
N THR C 40 -15.97 -22.83 -11.93
CA THR C 40 -17.20 -22.21 -11.49
C THR C 40 -17.67 -22.84 -10.17
N LEU C 41 -17.75 -22.01 -9.12
CA LEU C 41 -18.25 -22.45 -7.83
C LEU C 41 -19.76 -22.63 -7.99
N ASN C 42 -20.25 -23.85 -7.76
CA ASN C 42 -21.57 -24.22 -8.27
C ASN C 42 -22.51 -24.86 -7.26
N ARG C 43 -23.05 -24.03 -6.38
CA ARG C 43 -24.16 -24.42 -5.52
C ARG C 43 -25.05 -23.20 -5.29
N PRO C 44 -25.76 -22.79 -6.36
CA PRO C 44 -26.50 -21.52 -6.33
C PRO C 44 -27.55 -21.44 -5.21
N GLU C 45 -28.17 -22.58 -4.86
CA GLU C 45 -29.14 -22.60 -3.78
C GLU C 45 -28.54 -22.27 -2.40
N ARG C 46 -27.22 -22.42 -2.25
CA ARG C 46 -26.53 -22.04 -1.02
C ARG C 46 -25.52 -20.91 -1.25
N THR C 47 -25.77 -20.07 -2.25
CA THR C 47 -24.88 -18.95 -2.57
C THR C 47 -23.45 -19.45 -2.81
N ASN C 48 -23.34 -20.62 -3.44
CA ASN C 48 -22.05 -21.24 -3.76
C ASN C 48 -21.13 -21.36 -2.54
N ALA C 49 -21.71 -21.66 -1.39
CA ALA C 49 -20.94 -21.81 -0.16
C ALA C 49 -19.91 -22.94 -0.30
N LEU C 50 -18.70 -22.67 0.19
CA LEU C 50 -17.58 -23.60 0.05
C LEU C 50 -17.62 -24.65 1.16
N ASP C 51 -18.12 -25.85 0.84
CA ASP C 51 -18.08 -26.94 1.80
C ASP C 51 -16.85 -27.81 1.56
N GLN C 52 -16.69 -28.85 2.37
CA GLN C 52 -15.54 -29.73 2.29
C GLN C 52 -15.39 -30.37 0.92
N GLU C 53 -16.50 -30.83 0.37
CA GLU C 53 -16.49 -31.47 -0.94
C GLU C 53 -16.02 -30.49 -2.01
N MSE C 54 -16.57 -29.27 -1.99
CA MSE C 54 -16.20 -28.25 -2.98
C MSE C 54 -14.74 -27.92 -2.90
O MSE C 54 -14.08 -27.77 -3.93
CB MSE C 54 -17.04 -26.98 -2.85
CG MSE C 54 -16.97 -26.17 -4.14
SE MSE C 54 -17.68 -24.34 -3.90
CE MSE C 54 -19.61 -24.75 -3.95
N LEU C 55 -14.21 -27.77 -1.69
CA LEU C 55 -12.78 -27.46 -1.53
C LEU C 55 -11.90 -28.55 -2.13
N GLY C 56 -12.27 -29.81 -1.90
CA GLY C 56 -11.56 -30.93 -2.50
C GLY C 56 -11.58 -30.90 -4.02
N GLU C 57 -12.73 -30.54 -4.59
CA GLU C 57 -12.87 -30.47 -6.04
C GLU C 57 -12.09 -29.29 -6.62
N ILE C 58 -12.02 -28.17 -5.90
CA ILE C 58 -11.21 -27.03 -6.33
C ILE C 58 -9.76 -27.45 -6.43
N ASN C 59 -9.28 -28.17 -5.43
CA ASN C 59 -7.91 -28.67 -5.46
C ASN C 59 -7.66 -29.61 -6.64
N ALA C 60 -8.62 -30.48 -6.94
CA ALA C 60 -8.50 -31.38 -8.08
C ALA C 60 -8.46 -30.61 -9.41
N ALA C 61 -9.31 -29.59 -9.51
CA ALA C 61 -9.36 -28.75 -10.70
C ALA C 61 -8.07 -27.94 -10.89
N MSE C 62 -7.52 -27.42 -9.80
CA MSE C 62 -6.25 -26.68 -9.88
C MSE C 62 -5.12 -27.61 -10.24
O MSE C 62 -4.24 -27.23 -11.01
CB MSE C 62 -5.95 -25.93 -8.58
CG MSE C 62 -6.94 -24.78 -8.37
SE MSE C 62 -6.69 -23.34 -9.69
CE MSE C 62 -5.19 -22.45 -8.78
N ASP C 63 -5.12 -28.83 -9.71
CA ASP C 63 -4.14 -29.83 -10.12
C ASP C 63 -4.22 -30.05 -11.62
N ALA C 64 -5.44 -30.20 -12.14
CA ALA C 64 -5.65 -30.40 -13.57
C ALA C 64 -5.15 -29.22 -14.39
N ALA C 65 -5.53 -28.01 -13.98
CA ALA C 65 -5.17 -26.81 -14.71
C ALA C 65 -3.65 -26.63 -14.74
N GLU C 66 -2.99 -26.92 -13.62
CA GLU C 66 -1.55 -26.74 -13.52
C GLU C 66 -0.78 -27.76 -14.34
N ALA C 67 -1.34 -28.96 -14.50
CA ALA C 67 -0.72 -30.04 -15.27
C ALA C 67 -0.93 -29.92 -16.78
N ASP C 68 -1.98 -29.19 -17.18
CA ASP C 68 -2.38 -29.08 -18.59
C ASP C 68 -1.57 -27.97 -19.27
N ALA C 69 -0.65 -28.34 -20.16
CA ALA C 69 0.19 -27.37 -20.86
C ALA C 69 -0.61 -26.48 -21.80
N GLY C 70 -1.81 -26.93 -22.18
CA GLY C 70 -2.72 -26.14 -22.98
C GLY C 70 -3.44 -25.05 -22.19
N VAL C 71 -3.30 -25.05 -20.86
CA VAL C 71 -3.89 -24.02 -20.01
C VAL C 71 -2.83 -22.98 -19.65
N LYS C 72 -3.12 -21.70 -19.92
CA LYS C 72 -2.18 -20.61 -19.69
C LYS C 72 -2.55 -19.72 -18.52
N ALA C 73 -3.79 -19.84 -18.04
CA ALA C 73 -4.32 -18.98 -16.99
C ALA C 73 -5.60 -19.61 -16.45
N VAL C 74 -6.00 -19.20 -15.24
CA VAL C 74 -7.18 -19.75 -14.59
C VAL C 74 -8.14 -18.64 -14.19
N ILE C 75 -9.41 -18.79 -14.56
CA ILE C 75 -10.48 -17.94 -14.09
C ILE C 75 -11.32 -18.69 -13.06
N VAL C 76 -11.62 -18.03 -11.94
CA VAL C 76 -12.57 -18.56 -10.97
C VAL C 76 -13.74 -17.58 -10.83
N ARG C 77 -14.95 -18.14 -10.82
CA ARG C 77 -16.19 -17.36 -10.77
C ARG C 77 -17.25 -18.19 -10.06
N GLY C 78 -18.37 -17.56 -9.74
CA GLY C 78 -19.50 -18.27 -9.16
C GLY C 78 -20.62 -18.50 -10.16
N ALA C 79 -21.43 -19.51 -9.89
CA ALA C 79 -22.64 -19.78 -10.68
C ALA C 79 -23.74 -18.82 -10.28
N GLY C 80 -24.63 -18.51 -11.22
CA GLY C 80 -25.79 -17.67 -10.93
C GLY C 80 -25.41 -16.24 -10.64
N ASN C 81 -26.04 -15.66 -9.61
CA ASN C 81 -25.92 -14.24 -9.33
C ASN C 81 -24.89 -13.92 -8.24
N ALA C 82 -23.98 -14.84 -7.97
CA ALA C 82 -23.07 -14.72 -6.83
C ALA C 82 -21.73 -15.38 -7.10
N PHE C 83 -20.69 -14.86 -6.46
CA PHE C 83 -19.38 -15.53 -6.42
C PHE C 83 -19.48 -16.61 -5.34
N SER C 84 -19.45 -16.21 -4.07
CA SER C 84 -19.69 -17.13 -2.95
C SER C 84 -19.78 -16.37 -1.64
N SER C 85 -20.61 -16.87 -0.72
CA SER C 85 -20.75 -16.32 0.62
C SER C 85 -19.66 -16.80 1.59
N GLY C 86 -18.81 -17.73 1.14
CA GLY C 86 -17.67 -18.22 1.94
C GLY C 86 -17.86 -19.65 2.38
N PHE C 87 -17.10 -20.06 3.40
CA PHE C 87 -17.17 -21.43 3.88
C PHE C 87 -18.58 -21.71 4.43
N ASP C 88 -19.05 -22.93 4.21
CA ASP C 88 -20.44 -23.32 4.45
C ASP C 88 -20.77 -23.44 5.94
N LEU C 89 -21.57 -22.50 6.45
CA LEU C 89 -21.92 -22.47 7.87
C LEU C 89 -22.97 -23.52 8.26
N LYS C 90 -23.89 -23.82 7.34
CA LYS C 90 -24.87 -24.88 7.57
C LYS C 90 -24.18 -26.23 7.75
N ALA C 91 -23.18 -26.49 6.93
CA ALA C 91 -22.38 -27.72 7.04
C ALA C 91 -21.62 -27.74 8.37
N GLN C 92 -21.12 -26.58 8.79
CA GLN C 92 -20.41 -26.47 10.06
C GLN C 92 -21.35 -26.69 11.24
N MSE C 93 -22.55 -26.12 11.16
CA MSE C 93 -23.61 -26.28 12.18
C MSE C 93 -23.91 -27.74 12.39
O MSE C 93 -24.05 -28.19 13.53
CB MSE C 93 -24.87 -25.56 11.70
CG MSE C 93 -26.05 -25.61 12.68
SE MSE C 93 -27.70 -24.84 11.88
CE MSE C 93 -26.85 -23.36 10.92
N GLU C 94 -24.01 -28.48 11.31
CA GLU C 94 -24.36 -29.91 11.37
C GLU C 94 -23.20 -30.77 11.85
N ALA C 95 -21.99 -30.47 11.40
CA ALA C 95 -20.80 -31.27 11.75
C ALA C 95 -20.33 -31.08 13.19
N ARG C 96 -20.59 -29.89 13.76
CA ARG C 96 -20.22 -29.58 15.14
C ARG C 96 -18.77 -29.95 15.48
N PRO C 97 -17.80 -29.47 14.67
CA PRO C 97 -16.41 -29.74 15.06
C PRO C 97 -16.13 -29.14 16.43
N ALA C 98 -15.42 -29.89 17.27
CA ALA C 98 -15.18 -29.45 18.64
C ALA C 98 -13.73 -29.68 19.02
N GLY C 99 -13.03 -28.60 19.31
CA GLY C 99 -11.69 -28.68 19.87
C GLY C 99 -10.61 -28.46 18.83
N VAL C 100 -9.39 -28.30 19.33
CA VAL C 100 -8.24 -27.98 18.48
C VAL C 100 -7.97 -29.06 17.42
N ASP C 101 -7.93 -30.33 17.84
CA ASP C 101 -7.54 -31.39 16.91
C ASP C 101 -8.55 -31.57 15.77
N ALA C 102 -9.83 -31.32 16.04
CA ALA C 102 -10.87 -31.37 15.02
C ALA C 102 -10.77 -30.20 14.05
N TRP C 103 -10.47 -29.02 14.59
CA TRP C 103 -10.40 -27.80 13.79
C TRP C 103 -9.15 -27.69 12.94
N ARG C 104 -8.03 -28.25 13.41
CA ARG C 104 -6.76 -28.13 12.68
C ARG C 104 -6.84 -28.53 11.20
N PRO C 105 -7.34 -29.75 10.88
CA PRO C 105 -7.41 -30.11 9.45
C PRO C 105 -8.42 -29.30 8.65
N LEU C 106 -9.48 -28.83 9.29
CA LEU C 106 -10.48 -28.00 8.61
C LEU C 106 -9.85 -26.68 8.17
N LEU C 107 -9.17 -26.03 9.09
CA LEU C 107 -8.53 -24.75 8.79
C LEU C 107 -7.37 -24.93 7.81
N ARG C 108 -6.64 -26.04 7.91
CA ARG C 108 -5.51 -26.28 7.00
C ARG C 108 -6.00 -26.42 5.55
N LYS C 109 -7.10 -27.14 5.36
CA LYS C 109 -7.69 -27.30 4.04
C LYS C 109 -8.25 -25.98 3.50
N ASP C 110 -8.93 -25.22 4.35
CA ASP C 110 -9.43 -23.89 4.00
C ASP C 110 -8.29 -23.02 3.49
N PHE C 111 -7.25 -22.93 4.31
CA PHE C 111 -6.10 -22.07 4.05
C PHE C 111 -5.37 -22.50 2.79
N ASP C 112 -5.02 -23.77 2.70
CA ASP C 112 -4.23 -24.25 1.56
C ASP C 112 -4.98 -24.15 0.26
N THR C 113 -6.31 -24.31 0.31
CA THR C 113 -7.12 -24.20 -0.92
C THR C 113 -7.14 -22.76 -1.41
N VAL C 114 -7.41 -21.82 -0.52
CA VAL C 114 -7.34 -20.40 -0.87
C VAL C 114 -5.96 -20.06 -1.44
N MSE C 115 -4.90 -20.54 -0.82
CA MSE C 115 -3.54 -20.18 -1.23
C MSE C 115 -3.10 -20.84 -2.52
O MSE C 115 -2.09 -20.45 -3.08
CB MSE C 115 -2.53 -20.41 -0.10
CG MSE C 115 -2.79 -19.46 1.08
SE MSE C 115 -2.62 -17.55 0.61
CE MSE C 115 -0.70 -17.51 0.21
N ARG C 116 -3.86 -21.82 -3.03
CA ARG C 116 -3.60 -22.37 -4.36
C ARG C 116 -3.58 -21.26 -5.41
N PHE C 117 -4.42 -20.25 -5.23
CA PHE C 117 -4.59 -19.21 -6.23
C PHE C 117 -3.43 -18.22 -6.21
N TRP C 118 -2.75 -18.11 -5.07
CA TRP C 118 -1.53 -17.32 -4.98
C TRP C 118 -0.35 -18.08 -5.58
N HIS C 119 -0.17 -19.32 -5.11
CA HIS C 119 0.99 -20.12 -5.48
C HIS C 119 0.94 -20.69 -6.90
N CYS C 120 -0.24 -20.68 -7.51
CA CYS C 120 -0.39 -21.22 -8.85
C CYS C 120 0.70 -20.65 -9.78
N PRO C 121 1.44 -21.53 -10.46
CA PRO C 121 2.45 -21.04 -11.40
C PRO C 121 1.89 -20.19 -12.53
N LYS C 122 0.62 -20.40 -12.84
CA LYS C 122 -0.08 -19.67 -13.89
C LYS C 122 -0.94 -18.56 -13.28
N PRO C 123 -1.18 -17.48 -14.03
CA PRO C 123 -1.98 -16.40 -13.44
C PRO C 123 -3.42 -16.80 -13.17
N THR C 124 -3.96 -16.27 -12.07
CA THR C 124 -5.31 -16.55 -11.62
C THR C 124 -6.12 -15.26 -11.58
N ILE C 125 -7.36 -15.35 -12.02
CA ILE C 125 -8.24 -14.18 -12.14
C ILE C 125 -9.57 -14.52 -11.48
N ALA C 126 -9.93 -13.77 -10.45
CA ALA C 126 -11.25 -13.90 -9.83
C ALA C 126 -12.23 -12.98 -10.57
N ALA C 127 -13.35 -13.56 -11.01
CA ALA C 127 -14.40 -12.83 -11.71
C ALA C 127 -15.65 -12.85 -10.84
N VAL C 128 -15.96 -11.71 -10.23
CA VAL C 128 -16.92 -11.64 -9.14
C VAL C 128 -18.19 -10.89 -9.51
N ARG C 129 -19.33 -11.52 -9.21
CA ARG C 129 -20.60 -10.80 -9.17
C ARG C 129 -21.28 -11.08 -7.83
N GLY C 130 -22.17 -10.18 -7.42
CA GLY C 130 -22.88 -10.37 -6.16
C GLY C 130 -21.94 -10.53 -4.98
N PRO C 131 -22.33 -11.35 -3.98
CA PRO C 131 -21.52 -11.48 -2.78
C PRO C 131 -20.20 -12.20 -3.00
N CYS C 132 -19.15 -11.67 -2.38
CA CYS C 132 -17.86 -12.31 -2.33
C CYS C 132 -17.37 -12.10 -0.90
N LEU C 133 -17.70 -13.05 -0.02
CA LEU C 133 -17.59 -12.83 1.42
C LEU C 133 -16.76 -13.87 2.15
N ALA C 134 -16.14 -13.43 3.25
CA ALA C 134 -15.45 -14.32 4.17
C ALA C 134 -14.39 -15.17 3.44
N GLY C 135 -14.44 -16.50 3.57
CA GLY C 135 -13.47 -17.36 2.89
C GLY C 135 -13.39 -17.17 1.38
N ALA C 136 -14.51 -16.79 0.77
CA ALA C 136 -14.56 -16.51 -0.68
C ALA C 136 -13.89 -15.18 -1.02
N CYS C 137 -14.04 -14.19 -0.14
CA CYS C 137 -13.31 -12.93 -0.28
C CYS C 137 -11.82 -13.20 -0.22
N GLU C 138 -11.42 -14.10 0.67
CA GLU C 138 -10.02 -14.46 0.83
C GLU C 138 -9.51 -15.21 -0.41
N LEU C 139 -10.34 -16.09 -0.97
CA LEU C 139 -9.99 -16.79 -2.20
C LEU C 139 -9.73 -15.76 -3.32
N ALA C 140 -10.62 -14.78 -3.45
CA ALA C 140 -10.44 -13.75 -4.47
C ALA C 140 -9.20 -12.90 -4.18
N LEU C 141 -8.95 -12.60 -2.90
CA LEU C 141 -7.76 -11.82 -2.54
C LEU C 141 -6.47 -12.53 -2.99
N ALA C 142 -6.48 -13.86 -2.94
CA ALA C 142 -5.31 -14.66 -3.31
C ALA C 142 -5.04 -14.70 -4.81
N CYS C 143 -6.05 -14.41 -5.62
CA CYS C 143 -5.86 -14.41 -7.06
C CYS C 143 -4.99 -13.23 -7.53
N ASP C 144 -4.32 -13.41 -8.65
CA ASP C 144 -3.43 -12.36 -9.14
C ASP C 144 -4.18 -11.09 -9.47
N MSE C 145 -5.38 -11.26 -10.02
CA MSE C 145 -6.26 -10.15 -10.34
C MSE C 145 -7.68 -10.48 -9.95
O MSE C 145 -8.07 -11.64 -9.92
CB MSE C 145 -6.25 -9.87 -11.84
CG MSE C 145 -4.89 -9.37 -12.32
SE MSE C 145 -4.99 -9.01 -14.26
CE MSE C 145 -6.40 -7.62 -14.23
N THR C 146 -8.45 -9.44 -9.65
CA THR C 146 -9.89 -9.57 -9.42
C THR C 146 -10.63 -8.56 -10.28
N ILE C 147 -11.63 -9.03 -11.01
CA ILE C 147 -12.55 -8.12 -11.69
C ILE C 147 -13.94 -8.36 -11.14
N ALA C 148 -14.75 -7.31 -11.11
CA ALA C 148 -16.04 -7.38 -10.45
C ALA C 148 -17.10 -6.62 -11.24
N THR C 149 -18.33 -7.08 -11.13
CA THR C 149 -19.46 -6.32 -11.67
C THR C 149 -19.81 -5.18 -10.73
N GLU C 150 -20.58 -4.22 -11.25
CA GLU C 150 -21.04 -3.08 -10.47
C GLU C 150 -21.81 -3.50 -9.22
N ASP C 151 -22.52 -4.62 -9.31
CA ASP C 151 -23.38 -5.12 -8.23
C ASP C 151 -22.65 -5.96 -7.19
N ALA C 152 -21.37 -6.24 -7.43
CA ALA C 152 -20.59 -7.09 -6.51
C ALA C 152 -20.36 -6.39 -5.18
N PHE C 153 -20.29 -7.16 -4.11
CA PHE C 153 -19.93 -6.62 -2.80
C PHE C 153 -19.06 -7.60 -2.05
N PHE C 154 -18.23 -7.03 -1.18
CA PHE C 154 -17.11 -7.76 -0.60
C PHE C 154 -17.06 -7.59 0.91
N GLY C 155 -16.29 -8.45 1.55
CA GLY C 155 -15.94 -8.24 2.94
C GLY C 155 -15.74 -9.49 3.76
N GLU C 156 -15.55 -9.28 5.04
CA GLU C 156 -15.10 -10.31 5.98
C GLU C 156 -15.99 -10.25 7.22
N PRO C 157 -17.17 -10.87 7.16
CA PRO C 157 -18.12 -10.78 8.27
C PRO C 157 -17.80 -11.67 9.47
N GLU C 158 -16.73 -12.46 9.38
CA GLU C 158 -16.38 -13.48 10.38
C GLU C 158 -16.60 -13.07 11.83
N LEU C 159 -16.05 -11.93 12.23
CA LEU C 159 -16.06 -11.58 13.66
C LEU C 159 -17.48 -11.39 14.18
N LYS C 160 -18.40 -10.99 13.30
CA LYS C 160 -19.80 -10.78 13.70
C LYS C 160 -20.55 -12.05 14.09
N PHE C 161 -20.09 -13.21 13.65
CA PHE C 161 -20.70 -14.45 14.16
C PHE C 161 -19.71 -15.32 14.90
N GLY C 162 -18.68 -14.68 15.44
CA GLY C 162 -17.77 -15.34 16.38
C GLY C 162 -16.69 -16.19 15.75
N ALA C 163 -16.43 -16.00 14.46
CA ALA C 163 -15.39 -16.74 13.76
C ALA C 163 -14.16 -15.86 13.64
N GLY C 164 -12.98 -16.47 13.65
CA GLY C 164 -11.77 -15.75 13.32
C GLY C 164 -11.47 -15.77 11.83
N ILE C 165 -10.44 -15.04 11.45
CA ILE C 165 -9.99 -14.97 10.06
C ILE C 165 -9.04 -16.14 9.77
N VAL C 166 -9.38 -16.93 8.76
CA VAL C 166 -8.56 -18.08 8.38
C VAL C 166 -7.33 -17.65 7.58
N VAL C 167 -7.54 -16.87 6.52
CA VAL C 167 -6.46 -16.43 5.64
C VAL C 167 -6.36 -14.91 5.68
N MSE C 168 -5.36 -14.41 6.40
CA MSE C 168 -5.25 -12.98 6.70
C MSE C 168 -4.52 -12.25 5.60
O MSE C 168 -3.52 -11.58 5.83
CB MSE C 168 -4.51 -12.88 8.05
CG MSE C 168 -4.26 -11.46 8.56
SE MSE C 168 -5.97 -10.54 8.86
CE MSE C 168 -6.47 -11.37 10.59
N LEU C 169 -5.04 -12.38 4.38
CA LEU C 169 -4.44 -11.71 3.22
C LEU C 169 -4.74 -10.22 3.16
N LEU C 170 -5.84 -9.80 3.78
CA LEU C 170 -6.33 -8.44 3.56
C LEU C 170 -5.28 -7.34 3.81
N PRO C 171 -4.55 -7.37 4.93
CA PRO C 171 -3.58 -6.29 5.15
C PRO C 171 -2.39 -6.29 4.17
N TRP C 172 -2.24 -7.35 3.39
CA TRP C 172 -1.21 -7.41 2.33
C TRP C 172 -1.72 -6.83 1.00
N ILE C 173 -3.03 -6.77 0.83
CA ILE C 173 -3.64 -6.31 -0.41
C ILE C 173 -4.07 -4.83 -0.34
N VAL C 174 -4.61 -4.43 0.81
CA VAL C 174 -5.08 -3.07 1.01
C VAL C 174 -4.31 -2.44 2.18
N GLY C 175 -4.49 -1.16 2.44
CA GLY C 175 -3.74 -0.52 3.54
C GLY C 175 -4.07 -1.13 4.91
N PRO C 176 -3.18 -0.95 5.91
CA PRO C 176 -3.46 -1.48 7.26
C PRO C 176 -4.72 -0.93 7.92
N LYS C 177 -4.98 0.38 7.78
CA LYS C 177 -6.17 0.98 8.39
C LYS C 177 -7.45 0.40 7.79
N ILE C 178 -7.44 0.21 6.48
CA ILE C 178 -8.61 -0.31 5.77
C ILE C 178 -8.84 -1.78 6.12
N ALA C 179 -7.77 -2.55 6.20
CA ALA C 179 -7.89 -3.96 6.58
C ALA C 179 -8.44 -4.10 8.00
N LYS C 180 -7.96 -3.28 8.92
CA LYS C 180 -8.44 -3.32 10.30
C LYS C 180 -9.92 -2.99 10.41
N GLU C 181 -10.35 -1.96 9.67
CA GLU C 181 -11.76 -1.59 9.64
C GLU C 181 -12.62 -2.74 9.13
N ILE C 182 -12.25 -3.32 7.99
CA ILE C 182 -13.08 -4.36 7.39
C ILE C 182 -13.17 -5.58 8.30
N ILE C 183 -12.04 -6.01 8.85
CA ILE C 183 -12.02 -7.21 9.67
C ILE C 183 -12.58 -7.00 11.06
N LEU C 184 -12.19 -5.92 11.74
CA LEU C 184 -12.64 -5.72 13.12
C LEU C 184 -14.13 -5.39 13.21
N LEU C 185 -14.66 -4.75 12.18
CA LEU C 185 -16.10 -4.44 12.14
C LEU C 185 -16.92 -5.47 11.37
N GLY C 186 -16.24 -6.40 10.71
CA GLY C 186 -16.95 -7.39 9.90
C GLY C 186 -17.73 -6.78 8.75
N GLU C 187 -17.14 -5.78 8.09
CA GLU C 187 -17.78 -5.16 6.94
C GLU C 187 -18.04 -6.21 5.88
N ASP C 188 -19.28 -6.30 5.41
CA ASP C 188 -19.68 -7.33 4.46
C ASP C 188 -20.56 -6.79 3.32
N ARG C 189 -20.53 -5.47 3.11
CA ARG C 189 -21.25 -4.84 2.00
C ARG C 189 -20.38 -3.80 1.30
N VAL C 190 -19.09 -4.08 1.19
CA VAL C 190 -18.16 -3.17 0.56
C VAL C 190 -18.43 -3.20 -0.95
N PRO C 191 -18.91 -2.08 -1.53
CA PRO C 191 -19.25 -2.13 -2.95
C PRO C 191 -18.03 -2.27 -3.86
N ALA C 192 -18.27 -2.79 -5.06
CA ALA C 192 -17.20 -3.02 -6.03
C ALA C 192 -16.37 -1.77 -6.28
N ARG C 193 -17.03 -0.61 -6.42
CA ARG C 193 -16.32 0.63 -6.66
C ARG C 193 -15.37 0.97 -5.51
N ARG C 194 -15.80 0.72 -4.27
CA ARG C 194 -14.95 0.97 -3.12
C ARG C 194 -13.80 -0.05 -3.06
N ALA C 195 -14.13 -1.31 -3.35
CA ALA C 195 -13.12 -2.36 -3.45
C ALA C 195 -12.05 -1.98 -4.47
N ALA C 196 -12.46 -1.35 -5.57
CA ALA C 196 -11.49 -0.88 -6.57
C ALA C 196 -10.61 0.25 -6.04
N GLU C 197 -11.21 1.19 -5.30
CA GLU C 197 -10.46 2.31 -4.72
C GLU C 197 -9.34 1.85 -3.79
N ILE C 198 -9.58 0.75 -3.06
CA ILE C 198 -8.62 0.31 -2.05
C ILE C 198 -7.64 -0.74 -2.56
N GLY C 199 -7.81 -1.19 -3.81
CA GLY C 199 -6.88 -2.12 -4.45
C GLY C 199 -7.24 -3.60 -4.33
N MSE C 200 -8.44 -3.88 -3.83
CA MSE C 200 -8.95 -5.25 -3.74
C MSE C 200 -9.46 -5.73 -5.08
O MSE C 200 -9.44 -6.94 -5.35
CB MSE C 200 -10.10 -5.28 -2.73
CG MSE C 200 -10.72 -6.66 -2.59
SE MSE C 200 -12.18 -6.66 -1.27
CE MSE C 200 -11.46 -5.33 -0.01
N VAL C 201 -9.91 -4.80 -5.92
CA VAL C 201 -10.45 -5.12 -7.24
C VAL C 201 -9.68 -4.30 -8.28
N ASN C 202 -9.30 -4.95 -9.38
CA ASN C 202 -8.57 -4.29 -10.47
C ASN C 202 -9.48 -3.47 -11.37
N ARG C 203 -10.61 -4.07 -11.76
CA ARG C 203 -11.54 -3.47 -12.72
C ARG C 203 -12.97 -3.76 -12.34
N VAL C 204 -13.82 -2.75 -12.46
CA VAL C 204 -15.26 -2.92 -12.32
C VAL C 204 -15.86 -2.82 -13.72
N VAL C 205 -16.67 -3.82 -14.05
CA VAL C 205 -17.32 -3.92 -15.38
C VAL C 205 -18.83 -4.04 -15.25
N ASP C 206 -19.53 -3.90 -16.38
CA ASP C 206 -20.97 -4.12 -16.43
C ASP C 206 -21.33 -5.58 -16.12
N GLY C 207 -22.51 -5.77 -15.55
CA GLY C 207 -22.98 -7.11 -15.16
C GLY C 207 -23.00 -8.12 -16.30
N ASP C 208 -23.27 -7.64 -17.51
CA ASP C 208 -23.31 -8.51 -18.69
C ASP C 208 -21.96 -8.65 -19.38
N GLY C 209 -20.92 -8.03 -18.83
CA GLY C 209 -19.60 -8.03 -19.47
C GLY C 209 -18.53 -8.75 -18.67
N LEU C 210 -18.90 -9.44 -17.59
CA LEU C 210 -17.91 -10.04 -16.69
C LEU C 210 -17.13 -11.18 -17.34
N ASP C 211 -17.84 -12.13 -17.93
CA ASP C 211 -17.20 -13.29 -18.51
C ASP C 211 -16.31 -12.92 -19.70
N ALA C 212 -16.78 -11.98 -20.52
CA ALA C 212 -16.00 -11.49 -21.65
C ALA C 212 -14.70 -10.81 -21.22
N GLU C 213 -14.79 -9.98 -20.18
CA GLU C 213 -13.60 -9.27 -19.67
C GLU C 213 -12.59 -10.24 -19.07
N ALA C 214 -13.07 -11.19 -18.26
CA ALA C 214 -12.18 -12.19 -17.67
C ALA C 214 -11.47 -13.00 -18.75
N LEU C 215 -12.22 -13.39 -19.78
CA LEU C 215 -11.62 -14.18 -20.87
C LEU C 215 -10.64 -13.37 -21.69
N ARG C 216 -10.93 -12.10 -21.91
CA ARG C 216 -10.05 -11.21 -22.66
C ARG C 216 -8.70 -11.11 -21.95
N ILE C 217 -8.75 -10.92 -20.63
CA ILE C 217 -7.54 -10.83 -19.82
C ILE C 217 -6.78 -12.15 -19.88
N ALA C 218 -7.49 -13.26 -19.70
CA ALA C 218 -6.86 -14.57 -19.67
C ALA C 218 -6.23 -14.94 -21.03
N ARG C 219 -6.93 -14.62 -22.12
CA ARG C 219 -6.40 -14.89 -23.46
C ARG C 219 -5.23 -13.98 -23.82
N HIS C 220 -5.24 -12.76 -23.30
CA HIS C 220 -4.10 -11.85 -23.43
C HIS C 220 -2.86 -12.49 -22.80
N ILE C 221 -3.01 -12.97 -21.57
CA ILE C 221 -1.94 -13.70 -20.89
C ILE C 221 -1.53 -14.91 -21.71
N GLY C 222 -2.52 -15.62 -22.26
CA GLY C 222 -2.27 -16.82 -23.04
C GLY C 222 -1.50 -16.62 -24.33
N ALA C 223 -1.40 -15.38 -24.81
CA ALA C 223 -0.62 -15.08 -26.02
C ALA C 223 0.88 -15.00 -25.74
N ILE C 224 1.24 -14.91 -24.47
CA ILE C 224 2.63 -14.71 -24.07
C ILE C 224 3.31 -16.06 -23.82
N ASP C 225 4.59 -16.14 -24.16
CA ASP C 225 5.43 -17.30 -23.85
C ASP C 225 5.15 -17.74 -22.41
N PRO C 226 4.65 -18.98 -22.21
CA PRO C 226 4.29 -19.43 -20.85
C PRO C 226 5.44 -19.36 -19.84
N GLY C 227 6.67 -19.62 -20.27
CA GLY C 227 7.81 -19.54 -19.37
C GLY C 227 8.06 -18.12 -18.89
N LEU C 228 7.87 -17.15 -19.78
CA LEU C 228 8.04 -15.74 -19.44
C LEU C 228 7.01 -15.31 -18.38
N VAL C 229 5.76 -15.71 -18.59
CA VAL C 229 4.69 -15.44 -17.62
C VAL C 229 5.02 -16.09 -16.27
N LYS C 230 5.44 -17.36 -16.33
CA LYS C 230 5.76 -18.12 -15.12
C LYS C 230 6.82 -17.44 -14.30
N GLU C 231 7.93 -17.07 -14.94
CA GLU C 231 9.06 -16.50 -14.22
C GLU C 231 8.74 -15.11 -13.72
N THR C 232 7.93 -14.38 -14.47
CA THR C 232 7.54 -13.03 -14.06
C THR C 232 6.60 -13.07 -12.87
N LYS C 233 5.62 -13.98 -12.87
CA LYS C 233 4.79 -14.15 -11.67
C LYS C 233 5.64 -14.58 -10.47
N ARG C 234 6.60 -15.46 -10.68
CA ARG C 234 7.52 -15.86 -9.60
C ARG C 234 8.18 -14.64 -8.97
N ALA C 235 8.69 -13.75 -9.81
CA ALA C 235 9.34 -12.53 -9.33
C ALA C 235 8.33 -11.62 -8.62
N LEU C 236 7.13 -11.48 -9.16
CA LEU C 236 6.10 -10.64 -8.52
C LEU C 236 5.73 -11.14 -7.14
N ASN C 237 5.48 -12.44 -7.03
CA ASN C 237 5.13 -13.05 -5.75
C ASN C 237 6.28 -12.94 -4.76
N ARG C 238 7.51 -13.02 -5.26
CA ARG C 238 8.70 -12.91 -4.42
C ARG C 238 8.74 -11.60 -3.64
N ALA C 239 8.22 -10.53 -4.24
CA ALA C 239 8.21 -9.24 -3.56
C ALA C 239 7.48 -9.31 -2.22
N LEU C 240 6.31 -9.95 -2.20
CA LEU C 240 5.55 -10.09 -0.96
C LEU C 240 6.10 -11.18 -0.04
N GLU C 241 6.58 -12.28 -0.62
CA GLU C 241 7.15 -13.35 0.19
C GLU C 241 8.43 -12.89 0.89
N THR C 242 9.16 -11.99 0.27
CA THR C 242 10.37 -11.42 0.87
C THR C 242 10.06 -10.66 2.16
N GLN C 243 8.87 -10.05 2.18
CA GLN C 243 8.42 -9.29 3.33
C GLN C 243 7.97 -10.17 4.50
N GLY C 244 7.90 -11.48 4.27
CA GLY C 244 7.51 -12.45 5.30
C GLY C 244 6.03 -12.82 5.27
N MSE C 245 5.34 -12.51 4.17
CA MSE C 245 3.88 -12.75 4.10
C MSE C 245 3.49 -14.15 4.50
O MSE C 245 2.52 -14.34 5.23
CB MSE C 245 3.31 -12.43 2.73
CG MSE C 245 1.80 -12.65 2.74
SE MSE C 245 0.98 -12.07 1.06
CE MSE C 245 1.41 -13.67 0.02
N LEU C 246 4.22 -15.16 4.02
CA LEU C 246 3.81 -16.53 4.31
C LEU C 246 3.91 -16.86 5.81
N GLN C 247 4.91 -16.31 6.49
CA GLN C 247 5.01 -16.47 7.94
C GLN C 247 3.86 -15.76 8.67
N ALA C 248 3.51 -14.55 8.21
CA ALA C 248 2.42 -13.79 8.84
C ALA C 248 1.10 -14.52 8.66
N LEU C 249 0.91 -15.10 7.48
CA LEU C 249 -0.32 -15.86 7.19
C LEU C 249 -0.40 -17.11 8.07
N GLU C 250 0.70 -17.83 8.18
CA GLU C 250 0.73 -19.03 9.04
C GLU C 250 0.47 -18.66 10.50
N SER C 251 1.01 -17.52 10.94
CA SER C 251 0.80 -17.03 12.30
C SER C 251 -0.67 -16.72 12.56
N ALA C 252 -1.32 -16.05 11.60
CA ALA C 252 -2.75 -15.75 11.74
C ALA C 252 -3.58 -17.04 11.74
N LEU C 253 -3.17 -18.02 10.94
CA LEU C 253 -3.86 -19.31 10.89
C LEU C 253 -3.75 -20.03 12.24
N GLU C 254 -2.60 -19.94 12.88
CA GLU C 254 -2.40 -20.59 14.18
C GLU C 254 -3.22 -19.89 15.27
N ILE C 255 -3.29 -18.56 15.20
CA ILE C 255 -4.15 -17.79 16.09
C ILE C 255 -5.60 -18.22 15.92
N ASP C 256 -6.04 -18.41 14.67
CA ASP C 256 -7.41 -18.82 14.41
C ASP C 256 -7.68 -20.24 14.94
N LEU C 257 -6.68 -21.11 14.89
CA LEU C 257 -6.84 -22.44 15.46
C LEU C 257 -7.16 -22.37 16.95
N ALA C 258 -6.48 -21.48 17.67
CA ALA C 258 -6.79 -21.26 19.08
C ALA C 258 -8.20 -20.70 19.26
N ILE C 259 -8.56 -19.72 18.44
CA ILE C 259 -9.90 -19.13 18.51
C ILE C 259 -10.98 -20.19 18.32
N GLU C 260 -10.88 -20.95 17.24
CA GLU C 260 -11.93 -21.92 16.90
C GLU C 260 -11.84 -23.17 17.77
N GLY C 261 -10.63 -23.57 18.13
CA GLY C 261 -10.45 -24.71 19.03
C GLY C 261 -11.10 -24.48 20.37
N ALA C 262 -10.98 -23.26 20.88
CA ALA C 262 -11.67 -22.85 22.11
C ALA C 262 -13.18 -22.75 21.85
N GLY C 263 -13.54 -22.12 20.74
CA GLY C 263 -14.93 -21.84 20.38
C GLY C 263 -15.41 -20.57 21.02
N SER C 264 -15.54 -19.50 20.24
CA SER C 264 -16.01 -18.24 20.77
C SER C 264 -17.44 -18.40 21.26
N PRO C 265 -17.78 -17.82 22.42
CA PRO C 265 -19.17 -17.85 22.85
C PRO C 265 -20.12 -17.16 21.85
N ASP C 266 -19.60 -16.22 21.05
CA ASP C 266 -20.41 -15.56 20.03
C ASP C 266 -20.87 -16.55 18.96
N LYS C 267 -19.96 -17.45 18.55
CA LYS C 267 -20.29 -18.45 17.55
C LYS C 267 -21.23 -19.50 18.14
N ILE C 268 -20.96 -19.92 19.37
CA ILE C 268 -21.80 -20.91 20.03
C ILE C 268 -23.23 -20.37 20.11
N ALA C 269 -23.36 -19.10 20.49
CA ALA C 269 -24.67 -18.44 20.57
C ALA C 269 -25.35 -18.36 19.20
N PHE C 270 -24.58 -18.01 18.18
CA PHE C 270 -25.10 -17.91 16.81
C PHE C 270 -25.67 -19.24 16.34
N PHE C 271 -24.93 -20.32 16.53
CA PHE C 271 -25.38 -21.63 16.07
C PHE C 271 -26.53 -22.18 16.91
N GLU C 272 -26.62 -21.78 18.18
CA GLU C 272 -27.78 -22.16 19.00
C GLU C 272 -29.06 -21.60 18.37
N VAL C 273 -29.05 -20.33 18.01
CA VAL C 273 -30.20 -19.75 17.31
C VAL C 273 -30.41 -20.42 15.94
N ALA C 274 -29.31 -20.63 15.21
CA ALA C 274 -29.43 -21.21 13.87
C ALA C 274 -30.07 -22.60 13.88
N ARG C 275 -29.70 -23.44 14.85
CA ARG C 275 -30.28 -24.78 14.96
C ARG C 275 -31.74 -24.72 15.36
N ARG C 276 -32.08 -23.76 16.22
CA ARG C 276 -33.42 -23.68 16.76
C ARG C 276 -34.39 -23.00 15.80
N ASP C 277 -33.95 -21.90 15.19
CA ASP C 277 -34.84 -21.04 14.40
C ASP C 277 -34.45 -20.93 12.92
N GLY C 278 -33.31 -21.47 12.54
CA GLY C 278 -32.85 -21.37 11.16
C GLY C 278 -31.85 -20.24 10.95
N LEU C 279 -31.14 -20.28 9.82
CA LEU C 279 -30.08 -19.31 9.56
C LEU C 279 -30.59 -17.87 9.39
N ARG C 280 -31.74 -17.70 8.73
CA ARG C 280 -32.32 -16.37 8.56
C ARG C 280 -32.56 -15.69 9.91
N ALA C 281 -33.16 -16.44 10.84
CA ALA C 281 -33.38 -15.94 12.20
C ALA C 281 -32.05 -15.67 12.92
N ALA C 282 -31.06 -16.52 12.70
CA ALA C 282 -29.76 -16.36 13.35
C ALA C 282 -29.05 -15.09 12.85
N ILE C 283 -29.20 -14.79 11.57
CA ILE C 283 -28.64 -13.55 11.01
C ILE C 283 -29.34 -12.33 11.62
N ALA C 284 -30.66 -12.42 11.80
CA ALA C 284 -31.39 -11.35 12.47
C ALA C 284 -30.89 -11.15 13.90
N TRP C 285 -30.72 -12.24 14.63
CA TRP C 285 -30.16 -12.21 15.98
C TRP C 285 -28.77 -11.56 15.95
N ARG C 286 -27.96 -11.96 14.98
CA ARG C 286 -26.61 -11.44 14.84
C ARG C 286 -26.62 -9.92 14.62
N ASP C 287 -27.38 -9.49 13.63
CA ASP C 287 -27.41 -8.07 13.24
C ASP C 287 -27.94 -7.17 14.37
N ALA C 288 -28.86 -7.69 15.18
CA ALA C 288 -29.45 -6.92 16.28
C ALA C 288 -28.43 -6.60 17.39
N ARG C 289 -27.31 -7.31 17.41
CA ARG C 289 -26.26 -7.05 18.39
C ARG C 289 -25.46 -5.79 18.07
N PHE C 290 -25.55 -5.32 16.82
CA PHE C 290 -24.73 -4.21 16.36
C PHE C 290 -25.60 -2.98 16.11
N PRO C 291 -24.97 -1.79 16.03
CA PRO C 291 -25.75 -0.59 15.75
C PRO C 291 -26.47 -0.67 14.41
N ALA C 292 -27.63 -0.02 14.31
CA ALA C 292 -28.37 0.05 13.07
C ALA C 292 -27.72 1.03 12.10
O1 TLA D . 4.96 33.13 23.64
O11 TLA D . 2.81 32.84 23.34
C1 TLA D . 3.94 33.14 22.91
C2 TLA D . 4.09 33.52 21.46
O2 TLA D . 5.46 33.83 21.18
C3 TLA D . 3.22 34.73 21.11
O3 TLA D . 3.55 35.83 21.97
C4 TLA D . 3.42 35.13 19.68
O4 TLA D . 3.88 36.27 19.44
O41 TLA D . 3.15 34.32 18.78
C1 GOL E . -20.03 -0.23 11.28
O1 GOL E . -19.47 0.03 9.98
C2 GOL E . -20.91 0.95 11.69
O2 GOL E . -20.18 2.17 11.61
C3 GOL E . -21.40 0.74 13.12
O3 GOL E . -22.26 -0.41 13.20
O1 TLA F . -9.81 -30.48 23.41
O11 TLA F . -9.09 -28.97 21.97
C1 TLA F . -9.58 -29.30 23.07
C2 TLA F . -9.93 -28.19 24.03
O2 TLA F . -10.36 -28.70 25.28
C3 TLA F . -11.04 -27.37 23.40
O3 TLA F . -12.24 -28.14 23.31
C4 TLA F . -11.23 -26.14 24.23
O4 TLA F . -12.32 -25.97 24.82
O41 TLA F . -10.27 -25.34 24.29
O1 TLA G . -6.04 -22.57 -28.30
O11 TLA G . -4.36 -21.66 -27.20
C1 TLA G . -5.48 -21.59 -27.76
C2 TLA G . -6.20 -20.28 -27.75
O2 TLA G . -7.48 -20.44 -28.34
C3 TLA G . -5.42 -19.21 -28.49
O3 TLA G . -5.15 -19.63 -29.84
C4 TLA G . -6.23 -17.94 -28.48
O4 TLA G . -6.58 -17.42 -29.56
O41 TLA G . -6.53 -17.44 -27.37
C1 GOL H . -14.23 -25.39 7.31
O1 GOL H . -14.36 -24.80 6.00
C2 GOL H . -15.00 -24.58 8.36
O2 GOL H . -16.41 -24.78 8.19
C3 GOL H . -14.73 -23.09 8.27
O3 GOL H . -13.37 -22.77 8.58
#